data_4DUP
#
_entry.id   4DUP
#
_cell.length_a   91.707
_cell.length_b   142.823
_cell.length_c   59.989
_cell.angle_alpha   90.00
_cell.angle_beta   90.00
_cell.angle_gamma   90.00
#
_symmetry.space_group_name_H-M   'P 21 21 2'
#
loop_
_entity.id
_entity.type
_entity.pdbx_description
1 polymer 'quinone oxidoreductase'
2 water water
#
_entity_poly.entity_id   1
_entity_poly.type   'polypeptide(L)'
_entity_poly.pdbx_seq_one_letter_code
;(MSE)HHHHHHSSGVDLGTENLYFQS(MSE)SLPQE(MSE)RFVDLKSFGGPDV(MSE)VIGKRPLPVAGEGEVLVRAEA
IGVNRPDIAQRQGSYPPPKDASPILGLELSGEIVGVGPGVSGYAVGDKVCGLANGGAYAEYCLLPAGQILPFPKGYDAVK
AAALPETFFTVWANLFQ(MSE)AGLTEGESVLIHGGTSGIGTTAIQLARAFGAEVYATAGSTGKCEACERLGAKRGINYR
SEDFAAVIKAETGQGVDIILD(MSE)IGAAYFERNIASLAKDGCLSIIAFLGGAVAEKVNLSPI(MSE)VKRLTVTGST
(MSE)RPRTAEEKRAIRDDLLSEVWPLLEAGTVAPVIHKVFAFEDVADAHRLLEEGSHVGKV(MSE)LTV
;
_entity_poly.pdbx_strand_id   A,B
#
# COMPACT_ATOMS: atom_id res chain seq x y z
N MSE A 23 52.12 7.16 17.16
CA MSE A 23 51.02 8.12 16.82
C MSE A 23 49.86 7.47 16.10
O MSE A 23 48.86 8.13 15.80
CB MSE A 23 51.56 9.23 15.92
CG MSE A 23 51.20 10.59 16.52
SE MSE A 23 50.40 11.82 15.18
CE MSE A 23 51.35 11.28 13.53
N SER A 24 49.96 6.17 15.83
CA SER A 24 48.93 5.43 15.11
C SER A 24 47.68 5.02 15.95
N LEU A 25 46.94 4.04 15.45
CA LEU A 25 45.67 3.69 16.07
C LEU A 25 45.84 2.50 17.00
N PRO A 26 45.13 2.55 18.13
CA PRO A 26 45.14 1.43 19.08
C PRO A 26 45.09 0.04 18.45
N GLN A 27 45.66 -0.92 19.17
CA GLN A 27 45.78 -2.30 18.73
C GLN A 27 44.41 -2.99 18.83
N GLU A 28 43.66 -2.57 19.84
CA GLU A 28 42.45 -3.24 20.26
C GLU A 28 41.48 -2.18 20.70
N MSE A 29 40.20 -2.58 20.81
CA MSE A 29 39.06 -1.70 20.94
C MSE A 29 38.12 -2.21 21.96
O MSE A 29 37.94 -3.42 22.10
CB MSE A 29 38.36 -1.89 19.61
CG MSE A 29 37.18 -0.94 19.50
SE MSE A 29 36.37 -0.96 17.70
CE MSE A 29 36.44 -2.91 17.36
N ARG A 30 37.52 -1.31 22.72
CA ARG A 30 36.40 -1.68 23.58
C ARG A 30 35.14 -1.71 22.68
N PHE A 31 34.23 -2.65 22.99
CA PHE A 31 32.98 -2.86 22.24
C PHE A 31 32.03 -3.69 23.11
N VAL A 32 30.75 -3.64 22.76
CA VAL A 32 29.74 -4.28 23.58
C VAL A 32 29.54 -5.69 23.08
N ASP A 33 29.55 -6.67 23.98
CA ASP A 33 29.45 -8.06 23.56
C ASP A 33 28.41 -8.79 24.41
N LEU A 34 27.99 -9.98 23.99
CA LEU A 34 26.93 -10.73 24.65
C LEU A 34 27.35 -12.02 25.33
N LYS A 35 27.08 -12.14 26.63
CA LYS A 35 27.31 -13.43 27.27
C LYS A 35 26.49 -14.42 26.46
N SER A 36 25.25 -14.03 26.20
CA SER A 36 24.31 -14.82 25.42
C SER A 36 23.13 -13.91 25.23
N PHE A 37 22.08 -14.43 24.62
CA PHE A 37 20.85 -13.69 24.40
C PHE A 37 20.04 -13.62 25.71
N GLY A 38 19.56 -12.42 26.06
CA GLY A 38 18.69 -12.23 27.23
C GLY A 38 18.35 -10.78 27.58
N GLY A 39 18.25 -10.50 28.87
CA GLY A 39 18.08 -9.14 29.37
C GLY A 39 19.30 -8.22 29.26
N PRO A 40 19.15 -6.97 29.73
CA PRO A 40 20.17 -5.94 29.60
C PRO A 40 21.48 -6.39 30.16
N ASP A 41 21.40 -7.30 31.13
CA ASP A 41 22.54 -7.66 31.96
C ASP A 41 23.50 -8.61 31.25
N VAL A 42 23.10 -9.23 30.13
CA VAL A 42 24.06 -10.06 29.36
C VAL A 42 25.06 -9.27 28.47
N MSE A 43 24.99 -7.95 28.50
CA MSE A 43 25.87 -7.15 27.67
C MSE A 43 27.08 -6.84 28.49
O MSE A 43 26.98 -6.24 29.55
CB MSE A 43 25.25 -5.84 27.21
CG MSE A 43 24.29 -6.08 26.02
SE MSE A 43 23.55 -4.33 25.41
CE MSE A 43 22.90 -3.64 27.12
N VAL A 44 28.23 -7.24 28.00
CA VAL A 44 29.47 -6.84 28.66
C VAL A 44 30.43 -6.18 27.68
N ILE A 45 31.38 -5.42 28.22
CA ILE A 45 32.39 -4.66 27.48
C ILE A 45 33.65 -5.51 27.29
N GLY A 46 33.81 -6.03 26.07
CA GLY A 46 34.98 -6.81 25.66
C GLY A 46 35.98 -6.04 24.81
N LYS A 47 36.94 -6.76 24.24
CA LYS A 47 38.03 -6.10 23.48
C LYS A 47 38.16 -6.86 22.18
N ARG A 48 38.36 -6.14 21.09
CA ARG A 48 38.60 -6.82 19.82
C ARG A 48 39.43 -5.86 19.00
N PRO A 49 39.95 -6.31 17.84
CA PRO A 49 40.71 -5.41 16.95
C PRO A 49 39.83 -4.33 16.32
N LEU A 50 40.41 -3.17 16.09
CA LEU A 50 39.76 -2.10 15.34
C LEU A 50 39.41 -2.55 13.93
N PRO A 51 38.27 -2.06 13.39
CA PRO A 51 37.99 -2.35 11.98
C PRO A 51 38.75 -1.43 11.03
N VAL A 52 38.98 -1.90 9.81
CA VAL A 52 39.68 -1.10 8.81
C VAL A 52 38.74 -0.75 7.65
N ALA A 53 38.71 0.54 7.34
CA ALA A 53 37.91 1.11 6.27
C ALA A 53 38.44 0.67 4.93
N GLY A 54 37.68 -0.22 4.28
CA GLY A 54 37.91 -0.59 2.86
C GLY A 54 37.13 0.33 1.92
N GLU A 55 37.06 -0.05 0.64
CA GLU A 55 36.44 0.77 -0.40
C GLU A 55 35.03 1.29 -0.10
N GLY A 56 34.88 2.60 -0.31
CA GLY A 56 33.62 3.34 -0.08
C GLY A 56 33.13 3.37 1.38
N GLU A 57 34.04 3.03 2.30
CA GLU A 57 33.84 3.19 3.75
C GLU A 57 34.76 4.24 4.37
N VAL A 58 34.26 4.83 5.43
CA VAL A 58 35.02 5.72 6.28
C VAL A 58 35.07 5.04 7.66
N LEU A 59 36.04 5.40 8.51
CA LEU A 59 36.13 4.81 9.84
C LEU A 59 36.05 5.91 10.88
N VAL A 60 35.18 5.72 11.86
CA VAL A 60 34.90 6.79 12.81
C VAL A 60 35.30 6.41 14.24
N ARG A 61 35.88 7.38 14.93
CA ARG A 61 36.12 7.28 16.35
C ARG A 61 34.91 7.88 17.03
N ALA A 62 34.24 7.03 17.78
CA ALA A 62 32.95 7.34 18.35
C ALA A 62 33.00 8.33 19.51
N GLU A 63 32.24 9.41 19.41
CA GLU A 63 32.06 10.29 20.58
C GLU A 63 30.71 10.00 21.24
N ALA A 64 29.72 9.68 20.42
CA ALA A 64 28.34 9.41 20.90
C ALA A 64 27.70 8.32 20.04
N ILE A 65 26.98 7.41 20.71
CA ILE A 65 26.24 6.31 20.09
C ILE A 65 24.73 6.44 20.37
N GLY A 66 23.90 6.07 19.40
CA GLY A 66 22.46 6.06 19.58
C GLY A 66 22.02 4.68 20.06
N VAL A 67 21.10 4.67 21.02
CA VAL A 67 20.42 3.44 21.43
C VAL A 67 19.02 3.27 20.76
N ASN A 68 18.78 2.12 20.12
CA ASN A 68 17.47 1.93 19.50
C ASN A 68 16.83 0.61 19.81
N ARG A 69 15.52 0.61 19.65
CA ARG A 69 14.71 -0.57 19.92
C ARG A 69 15.26 -1.87 19.31
N PRO A 70 15.63 -1.90 18.02
CA PRO A 70 16.16 -3.13 17.40
C PRO A 70 17.43 -3.68 18.07
N ASP A 71 18.15 -2.83 18.82
CA ASP A 71 19.25 -3.24 19.67
C ASP A 71 18.73 -4.14 20.82
N ILE A 72 17.55 -3.82 21.37
CA ILE A 72 16.98 -4.66 22.41
C ILE A 72 16.63 -6.02 21.83
N ALA A 73 15.97 -6.02 20.67
CA ALA A 73 15.48 -7.26 20.09
C ALA A 73 16.64 -8.08 19.56
N GLN A 74 17.67 -7.40 19.07
CA GLN A 74 18.84 -8.15 18.66
C GLN A 74 19.48 -8.75 19.90
N ARG A 75 19.50 -8.00 20.99
CA ARG A 75 20.10 -8.50 22.22
C ARG A 75 19.32 -9.65 22.85
N GLN A 76 17.99 -9.57 22.82
CA GLN A 76 17.15 -10.66 23.34
C GLN A 76 17.21 -11.87 22.40
N GLY A 77 17.87 -11.74 21.24
CA GLY A 77 17.80 -12.78 20.22
C GLY A 77 16.55 -12.83 19.34
N SER A 78 15.54 -11.98 19.59
CA SER A 78 14.27 -12.01 18.83
C SER A 78 14.58 -11.90 17.33
N TYR A 79 15.49 -10.97 17.02
CA TYR A 79 15.71 -10.51 15.66
C TYR A 79 17.20 -10.59 15.32
N PRO A 80 17.57 -11.38 14.31
CA PRO A 80 19.00 -11.38 13.94
C PRO A 80 19.36 -10.21 13.02
N PRO A 81 20.62 -9.71 13.06
CA PRO A 81 21.12 -8.76 12.06
C PRO A 81 21.14 -9.42 10.68
N PRO A 82 20.98 -8.61 9.58
CA PRO A 82 21.15 -9.13 8.22
C PRO A 82 22.49 -9.85 8.14
N LYS A 83 22.65 -10.78 7.20
CA LYS A 83 23.96 -11.41 7.02
C LYS A 83 25.08 -10.37 6.83
N ASP A 84 24.99 -9.53 5.78
CA ASP A 84 26.12 -8.66 5.40
C ASP A 84 26.46 -7.47 6.34
N ALA A 85 25.86 -7.45 7.53
CA ALA A 85 26.17 -6.41 8.51
C ALA A 85 27.18 -6.89 9.58
N SER A 86 27.81 -5.95 10.26
CA SER A 86 28.57 -6.32 11.46
C SER A 86 27.55 -6.91 12.45
N PRO A 87 27.93 -7.99 13.15
CA PRO A 87 27.03 -8.61 14.15
C PRO A 87 27.04 -7.86 15.50
N ILE A 88 27.92 -6.89 15.58
CA ILE A 88 27.93 -6.05 16.76
C ILE A 88 26.70 -5.14 16.74
N LEU A 89 26.10 -4.96 17.91
CA LEU A 89 24.99 -4.04 18.10
C LEU A 89 25.32 -2.61 17.72
N GLY A 90 24.26 -1.89 17.36
CA GLY A 90 24.29 -0.43 17.21
C GLY A 90 24.12 0.04 15.78
N LEU A 91 23.27 1.06 15.59
CA LEU A 91 22.82 1.53 14.25
C LEU A 91 23.19 2.95 13.84
N GLU A 92 23.60 3.75 14.78
CA GLU A 92 23.90 5.08 14.48
C GLU A 92 24.95 5.59 15.45
N LEU A 93 25.54 6.74 15.10
CA LEU A 93 26.68 7.23 15.83
C LEU A 93 27.16 8.55 15.25
N SER A 94 27.95 9.26 16.03
CA SER A 94 28.70 10.44 15.57
C SER A 94 30.10 10.37 16.13
N GLY A 95 30.98 11.16 15.54
CA GLY A 95 32.38 11.22 15.95
C GLY A 95 33.32 11.69 14.85
N GLU A 96 34.58 11.28 14.97
CA GLU A 96 35.56 11.77 14.02
C GLU A 96 36.03 10.72 13.04
N ILE A 97 36.26 11.17 11.81
CA ILE A 97 36.83 10.33 10.77
C ILE A 97 38.31 10.12 11.11
N VAL A 98 38.78 8.91 10.87
CA VAL A 98 40.04 8.48 11.45
C VAL A 98 40.75 7.59 10.43
N GLY A 99 39.99 7.15 9.43
CA GLY A 99 40.51 6.35 8.32
C GLY A 99 39.57 6.71 7.17
N VAL A 100 40.12 7.14 6.02
CA VAL A 100 39.34 7.24 4.79
C VAL A 100 39.69 6.00 3.93
N GLY A 101 38.71 5.14 3.69
CA GLY A 101 38.96 3.96 2.89
C GLY A 101 39.36 4.35 1.47
N PRO A 102 39.98 3.40 0.74
CA PRO A 102 40.36 3.55 -0.68
C PRO A 102 39.28 4.21 -1.58
N GLY A 103 39.68 5.31 -2.24
CA GLY A 103 38.89 5.94 -3.30
C GLY A 103 37.66 6.71 -2.86
N VAL A 104 37.59 7.08 -1.59
CA VAL A 104 36.39 7.72 -1.12
C VAL A 104 36.48 9.23 -1.37
N SER A 105 35.58 9.73 -2.19
CA SER A 105 35.54 11.17 -2.48
C SER A 105 34.93 12.00 -1.34
N GLY A 106 35.44 13.20 -1.11
CA GLY A 106 34.78 14.24 -0.30
C GLY A 106 34.74 14.18 1.23
N TYR A 107 35.56 13.34 1.86
CA TYR A 107 35.68 13.26 3.32
C TYR A 107 37.13 13.03 3.74
N ALA A 108 37.47 13.54 4.90
CA ALA A 108 38.85 13.59 5.35
C ALA A 108 38.94 13.19 6.79
N VAL A 109 39.96 12.41 7.08
CA VAL A 109 40.35 12.17 8.47
C VAL A 109 40.18 13.52 9.18
N GLY A 110 39.50 13.52 10.32
CA GLY A 110 39.37 14.74 11.10
C GLY A 110 38.00 15.41 11.04
N ASP A 111 37.19 15.08 10.03
CA ASP A 111 35.81 15.65 9.92
C ASP A 111 34.82 15.15 10.99
N LYS A 112 33.99 16.06 11.48
CA LYS A 112 32.99 15.74 12.50
C LYS A 112 31.76 15.29 11.76
N VAL A 113 31.34 14.04 11.97
CA VAL A 113 30.24 13.46 11.16
C VAL A 113 29.36 12.51 11.96
N CYS A 114 28.09 12.37 11.54
CA CYS A 114 27.13 11.37 12.10
C CYS A 114 26.67 10.46 10.97
N GLY A 115 26.25 9.24 11.32
CA GLY A 115 25.74 8.33 10.28
C GLY A 115 25.01 7.08 10.71
N LEU A 116 24.38 6.44 9.71
CA LEU A 116 23.68 5.19 9.92
C LEU A 116 24.62 4.07 9.61
N ALA A 117 24.81 3.21 10.61
CA ALA A 117 25.77 2.11 10.56
C ALA A 117 25.09 0.81 10.28
N ASN A 118 25.71 -0.02 9.47
CA ASN A 118 25.21 -1.36 9.20
C ASN A 118 25.61 -2.27 10.33
N GLY A 119 25.08 -2.02 11.53
CA GLY A 119 25.63 -2.72 12.73
C GLY A 119 26.91 -1.99 13.17
N GLY A 120 27.46 -2.38 14.33
CA GLY A 120 28.79 -1.88 14.76
C GLY A 120 28.91 -0.69 15.72
N ALA A 121 27.85 0.12 15.86
CA ALA A 121 28.05 1.42 16.48
C ALA A 121 28.34 1.34 17.98
N TYR A 122 28.14 0.18 18.61
CA TYR A 122 28.43 0.01 20.03
C TYR A 122 29.90 -0.43 20.15
N ALA A 123 30.79 0.53 19.92
CA ALA A 123 32.23 0.28 19.80
C ALA A 123 32.98 1.62 19.76
N GLU A 124 34.27 1.62 20.07
CA GLU A 124 35.05 2.86 20.07
C GLU A 124 35.26 3.34 18.65
N TYR A 125 35.41 2.38 17.76
CA TYR A 125 35.59 2.65 16.34
C TYR A 125 34.56 1.86 15.51
N CYS A 126 34.01 2.52 14.50
CA CYS A 126 32.99 1.88 13.64
C CYS A 126 33.09 2.35 12.18
N LEU A 127 32.99 1.41 11.25
CA LEU A 127 32.72 1.70 9.83
C LEU A 127 31.41 2.50 9.60
N LEU A 128 31.48 3.42 8.66
CA LEU A 128 30.29 4.00 8.09
C LEU A 128 30.39 3.94 6.56
N PRO A 129 29.36 3.37 5.88
CA PRO A 129 29.41 3.50 4.40
C PRO A 129 29.33 4.98 3.96
N ALA A 130 29.95 5.29 2.83
CA ALA A 130 30.08 6.66 2.33
C ALA A 130 28.74 7.42 2.10
N GLY A 131 27.80 6.78 1.40
CA GLY A 131 26.50 7.40 1.13
C GLY A 131 25.60 7.43 2.36
N GLN A 132 26.15 7.10 3.52
CA GLN A 132 25.45 7.16 4.80
C GLN A 132 26.07 8.13 5.80
N ILE A 133 27.09 8.91 5.39
CA ILE A 133 27.66 10.03 6.21
C ILE A 133 26.87 11.34 6.15
N LEU A 134 26.71 12.03 7.27
CA LEU A 134 26.20 13.39 7.26
C LEU A 134 27.04 14.24 8.21
N PRO A 135 27.21 15.55 7.93
CA PRO A 135 28.01 16.37 8.85
C PRO A 135 27.12 16.74 9.99
N PHE A 136 27.74 17.19 11.09
CA PHE A 136 26.99 17.83 12.17
C PHE A 136 26.20 18.97 11.54
N PRO A 137 24.92 19.13 11.94
CA PRO A 137 24.25 20.38 11.63
C PRO A 137 25.03 21.45 12.38
N LYS A 138 25.01 22.70 11.90
CA LYS A 138 25.61 23.83 12.61
C LYS A 138 25.08 23.99 14.05
N GLY A 139 25.96 24.16 15.03
CA GLY A 139 25.56 24.35 16.44
C GLY A 139 25.48 23.07 17.30
N TYR A 140 25.55 21.91 16.66
CA TYR A 140 25.29 20.60 17.30
C TYR A 140 26.53 19.97 17.95
N ASP A 141 26.44 19.58 19.21
CA ASP A 141 27.47 18.73 19.77
C ASP A 141 27.32 17.30 19.23
N ALA A 142 28.09 16.40 19.80
CA ALA A 142 28.24 15.10 19.20
C ALA A 142 26.99 14.28 19.48
N VAL A 143 26.42 14.46 20.68
CA VAL A 143 25.28 13.69 21.10
C VAL A 143 24.06 13.97 20.21
N LYS A 144 23.77 15.26 20.03
CA LYS A 144 22.64 15.66 19.25
C LYS A 144 22.86 15.16 17.84
N ALA A 145 24.12 15.13 17.38
CA ALA A 145 24.35 14.63 16.04
C ALA A 145 24.08 13.12 15.94
N ALA A 146 24.45 12.37 16.97
CA ALA A 146 24.31 10.92 16.90
C ALA A 146 22.82 10.51 17.05
N ALA A 147 22.01 11.42 17.57
CA ALA A 147 20.56 11.25 17.73
C ALA A 147 19.73 11.28 16.43
N LEU A 148 20.37 11.57 15.31
CA LEU A 148 19.64 11.83 14.09
C LEU A 148 19.44 10.60 13.24
N PRO A 149 20.48 9.82 12.99
CA PRO A 149 20.35 9.01 11.79
C PRO A 149 19.17 8.03 11.79
N GLU A 150 19.12 7.11 12.75
CA GLU A 150 18.14 6.03 12.72
C GLU A 150 16.70 6.56 12.54
N THR A 151 16.29 7.48 13.41
CA THR A 151 14.92 7.92 13.45
C THR A 151 14.62 8.79 12.23
N PHE A 152 15.63 9.59 11.83
CA PHE A 152 15.48 10.49 10.69
C PHE A 152 15.45 9.74 9.39
N PHE A 153 16.33 8.74 9.20
CA PHE A 153 16.28 7.98 7.96
C PHE A 153 14.91 7.34 7.95
N THR A 154 14.51 6.74 9.08
CA THR A 154 13.30 5.91 9.11
C THR A 154 12.06 6.73 8.78
N VAL A 155 11.94 7.91 9.36
CA VAL A 155 10.77 8.76 9.18
C VAL A 155 10.79 9.34 7.78
N TRP A 156 11.96 9.66 7.28
CA TRP A 156 11.98 10.25 5.97
C TRP A 156 11.53 9.25 4.92
N ALA A 157 12.09 8.06 4.98
CA ALA A 157 11.82 7.03 3.97
C ALA A 157 10.37 6.63 3.89
N ASN A 158 9.73 6.52 5.04
CA ASN A 158 8.39 5.93 5.03
C ASN A 158 7.34 7.02 4.95
N LEU A 159 7.60 8.19 5.52
CA LEU A 159 6.53 9.18 5.62
C LEU A 159 6.54 10.11 4.43
N PHE A 160 7.73 10.34 3.87
CA PHE A 160 7.96 11.35 2.81
C PHE A 160 8.26 10.66 1.52
N GLN A 161 9.29 9.84 1.49
CA GLN A 161 9.56 9.16 0.24
C GLN A 161 8.47 8.20 -0.23
N MSE A 162 7.95 7.35 0.65
CA MSE A 162 7.00 6.32 0.21
C MSE A 162 5.59 6.83 0.36
O MSE A 162 4.79 6.68 -0.52
CB MSE A 162 7.16 4.98 0.92
CG MSE A 162 8.48 4.26 0.68
SE MSE A 162 8.60 2.79 2.05
CE MSE A 162 7.03 1.84 1.30
N ALA A 163 5.27 7.46 1.50
CA ALA A 163 3.90 7.96 1.68
C ALA A 163 3.64 9.36 1.10
N GLY A 164 4.71 10.13 0.79
CA GLY A 164 4.61 11.42 0.11
C GLY A 164 3.79 12.44 0.89
N LEU A 165 4.09 12.60 2.17
CA LEU A 165 3.36 13.57 2.97
C LEU A 165 3.66 14.99 2.41
N THR A 166 2.61 15.70 2.01
CA THR A 166 2.69 17.13 1.69
C THR A 166 1.71 17.97 2.50
N GLU A 167 1.81 19.28 2.31
CA GLU A 167 1.02 20.27 3.06
C GLU A 167 -0.49 20.06 3.05
N GLY A 168 -1.14 20.23 4.18
CA GLY A 168 -2.62 20.08 4.25
C GLY A 168 -3.19 18.71 4.62
N GLU A 169 -2.37 17.67 4.40
CA GLU A 169 -2.74 16.28 4.70
C GLU A 169 -2.75 16.05 6.21
N SER A 170 -3.65 15.18 6.67
CA SER A 170 -3.58 14.75 8.07
C SER A 170 -2.78 13.42 8.23
N VAL A 171 -2.10 13.28 9.38
CA VAL A 171 -1.34 12.07 9.73
C VAL A 171 -1.52 11.65 11.17
N LEU A 172 -1.67 10.35 11.38
CA LEU A 172 -1.69 9.80 12.72
C LEU A 172 -0.35 9.03 12.93
N ILE A 173 0.31 9.29 14.05
CA ILE A 173 1.59 8.70 14.39
C ILE A 173 1.48 7.99 15.72
N HIS A 174 1.75 6.68 15.72
CA HIS A 174 1.72 5.92 16.99
C HIS A 174 3.11 5.99 17.61
N GLY A 175 3.21 5.77 18.93
CA GLY A 175 4.51 5.89 19.65
C GLY A 175 5.00 7.31 19.57
N GLY A 176 4.09 8.26 19.84
CA GLY A 176 4.39 9.69 19.78
C GLY A 176 5.67 10.08 20.51
N THR A 177 5.94 9.32 21.53
CA THR A 177 6.93 9.63 22.55
C THR A 177 8.29 8.90 22.33
N SER A 178 8.30 7.92 21.41
CA SER A 178 9.52 7.18 21.03
C SER A 178 10.38 8.11 20.20
N GLY A 179 11.57 7.64 19.83
CA GLY A 179 12.48 8.45 19.05
C GLY A 179 11.91 8.74 17.68
N ILE A 180 11.27 7.75 17.08
CA ILE A 180 10.70 7.89 15.76
C ILE A 180 9.41 8.75 15.88
N GLY A 181 8.67 8.61 16.98
CA GLY A 181 7.44 9.40 17.15
C GLY A 181 7.69 10.92 17.26
N THR A 182 8.63 11.22 18.11
CA THR A 182 9.18 12.53 18.32
C THR A 182 9.70 13.12 17.02
N THR A 183 10.45 12.33 16.25
CA THR A 183 11.00 12.77 15.02
C THR A 183 9.88 13.01 14.03
N ALA A 184 9.03 11.98 13.86
CA ALA A 184 7.86 12.05 12.99
C ALA A 184 6.98 13.26 13.23
N ILE A 185 6.64 13.53 14.50
CA ILE A 185 5.72 14.65 14.83
C ILE A 185 6.32 15.96 14.31
N GLN A 186 7.61 16.12 14.52
CA GLN A 186 8.27 17.37 14.17
C GLN A 186 8.28 17.63 12.69
N LEU A 187 8.81 16.68 11.90
CA LEU A 187 8.93 16.87 10.45
C LEU A 187 7.56 17.08 9.82
N ALA A 188 6.57 16.39 10.35
CA ALA A 188 5.23 16.47 9.85
C ALA A 188 4.69 17.89 10.13
N ARG A 189 4.77 18.38 11.38
CA ARG A 189 4.32 19.73 11.69
C ARG A 189 5.06 20.75 10.77
N ALA A 190 6.39 20.73 10.82
CA ALA A 190 7.22 21.59 9.96
C ALA A 190 6.88 21.54 8.49
N PHE A 191 6.36 20.42 7.99
CA PHE A 191 6.02 20.37 6.54
C PHE A 191 4.57 20.64 6.23
N GLY A 192 3.86 21.10 7.25
CA GLY A 192 2.51 21.66 7.08
C GLY A 192 1.40 20.65 7.14
N ALA A 193 1.62 19.57 7.87
CA ALA A 193 0.57 18.57 8.03
C ALA A 193 -0.22 18.85 9.28
N GLU A 194 -1.43 18.35 9.30
CA GLU A 194 -2.17 18.30 10.53
C GLU A 194 -1.93 16.96 11.19
N VAL A 195 -1.53 17.03 12.47
CA VAL A 195 -0.85 15.93 13.13
C VAL A 195 -1.49 15.40 14.37
N TYR A 196 -1.56 14.08 14.49
CA TYR A 196 -2.13 13.48 15.65
C TYR A 196 -1.17 12.39 16.01
N ALA A 197 -1.23 11.95 17.26
CA ALA A 197 -0.19 11.13 17.82
C ALA A 197 -0.81 10.40 18.98
N THR A 198 -0.39 9.17 19.20
CA THR A 198 -0.81 8.48 20.42
C THR A 198 0.37 8.28 21.37
N ALA A 199 0.04 8.17 22.66
CA ALA A 199 1.01 8.03 23.72
C ALA A 199 0.31 7.50 25.00
N GLY A 200 1.10 7.10 26.00
CA GLY A 200 0.62 6.30 27.12
C GLY A 200 0.26 7.04 28.41
N SER A 201 0.34 8.38 28.41
CA SER A 201 0.02 9.20 29.59
C SER A 201 -0.27 10.63 29.14
N THR A 202 -0.75 11.47 30.06
CA THR A 202 -1.01 12.90 29.82
C THR A 202 0.27 13.75 29.58
N GLY A 203 1.29 13.55 30.43
CA GLY A 203 2.58 14.21 30.20
C GLY A 203 3.08 13.89 28.78
N LYS A 204 3.00 12.61 28.41
CA LYS A 204 3.43 12.17 27.09
C LYS A 204 2.57 12.77 25.97
N CYS A 205 1.24 12.82 26.18
CA CYS A 205 0.38 13.47 25.18
C CYS A 205 0.65 14.94 25.05
N GLU A 206 0.94 15.58 26.19
CA GLU A 206 1.33 17.00 26.23
C GLU A 206 2.68 17.28 25.57
N ALA A 207 3.64 16.38 25.76
CA ALA A 207 4.91 16.46 25.03
C ALA A 207 4.67 16.34 23.51
N CYS A 208 3.77 15.44 23.11
CA CYS A 208 3.46 15.39 21.67
C CYS A 208 3.00 16.75 21.15
N GLU A 209 2.03 17.36 21.82
CA GLU A 209 1.52 18.69 21.39
C GLU A 209 2.60 19.77 21.38
N ARG A 210 3.48 19.77 22.38
CA ARG A 210 4.63 20.67 22.32
C ARG A 210 5.43 20.48 21.01
N LEU A 211 5.61 19.22 20.60
CA LEU A 211 6.37 18.91 19.38
C LEU A 211 5.61 19.25 18.10
N GLY A 212 4.29 19.45 18.23
CA GLY A 212 3.50 19.86 17.05
C GLY A 212 2.25 19.05 16.71
N ALA A 213 1.92 18.06 17.55
CA ALA A 213 0.68 17.36 17.39
C ALA A 213 -0.40 18.34 17.81
N LYS A 214 -1.18 18.81 16.85
CA LYS A 214 -2.49 19.30 17.19
C LYS A 214 -3.05 18.56 18.40
N ARG A 215 -2.99 17.23 18.38
CA ARG A 215 -3.63 16.50 19.47
C ARG A 215 -2.94 15.16 19.83
N GLY A 216 -2.54 15.05 21.10
CA GLY A 216 -2.08 13.79 21.65
C GLY A 216 -3.21 12.96 22.22
N ILE A 217 -3.51 11.83 21.60
CA ILE A 217 -4.49 10.90 22.12
C ILE A 217 -3.76 10.04 23.15
N ASN A 218 -4.33 9.92 24.33
CA ASN A 218 -3.76 9.02 25.31
C ASN A 218 -4.45 7.68 25.12
N TYR A 219 -3.71 6.64 24.72
CA TYR A 219 -4.34 5.38 24.26
C TYR A 219 -4.87 4.55 25.41
N ARG A 220 -4.49 4.92 26.63
CA ARG A 220 -4.85 4.10 27.78
C ARG A 220 -6.32 4.34 28.15
N SER A 221 -6.77 5.57 27.96
CA SER A 221 -8.12 5.96 28.35
C SER A 221 -8.83 6.77 27.25
N GLU A 222 -8.41 6.64 25.99
CA GLU A 222 -9.14 7.19 24.86
C GLU A 222 -9.03 6.16 23.73
N ASP A 223 -10.00 6.18 22.82
CA ASP A 223 -10.01 5.34 21.63
C ASP A 223 -9.71 6.24 20.49
N PHE A 224 -8.53 5.99 19.95
CA PHE A 224 -7.90 6.87 19.04
C PHE A 224 -8.67 6.90 17.74
N ALA A 225 -9.35 5.81 17.41
CA ALA A 225 -10.27 5.77 16.27
C ALA A 225 -11.48 6.72 16.47
N ALA A 226 -12.16 6.65 17.62
CA ALA A 226 -13.22 7.65 17.93
C ALA A 226 -12.68 9.09 17.86
N VAL A 227 -11.49 9.30 18.43
CA VAL A 227 -10.90 10.65 18.41
C VAL A 227 -10.60 11.12 16.98
N ILE A 228 -10.08 10.22 16.18
CA ILE A 228 -9.81 10.60 14.79
C ILE A 228 -11.10 10.89 13.99
N LYS A 229 -12.15 10.10 14.23
CA LYS A 229 -13.49 10.33 13.67
C LYS A 229 -13.96 11.73 14.05
N ALA A 230 -13.98 12.00 15.36
CA ALA A 230 -14.42 13.32 15.84
C ALA A 230 -13.60 14.50 15.23
N GLU A 231 -12.27 14.37 15.21
CA GLU A 231 -11.41 15.44 14.74
C GLU A 231 -11.35 15.61 13.22
N THR A 232 -11.64 14.58 12.44
CA THR A 232 -11.35 14.74 11.00
C THR A 232 -12.60 14.51 10.17
N GLY A 233 -13.55 13.81 10.77
CA GLY A 233 -14.77 13.43 10.08
C GLY A 233 -14.54 12.30 9.11
N GLN A 234 -13.69 12.48 8.11
CA GLN A 234 -13.47 11.41 7.12
C GLN A 234 -12.38 10.42 7.53
N GLY A 235 -11.44 10.83 8.38
CA GLY A 235 -10.22 10.07 8.73
C GLY A 235 -8.93 10.77 8.28
N VAL A 236 -7.77 10.19 8.63
CA VAL A 236 -6.48 10.80 8.26
C VAL A 236 -6.00 10.24 6.92
N ASP A 237 -5.04 10.94 6.31
CA ASP A 237 -4.52 10.54 5.04
C ASP A 237 -3.36 9.55 5.20
N ILE A 238 -2.60 9.72 6.29
CA ILE A 238 -1.50 8.84 6.61
C ILE A 238 -1.47 8.38 8.06
N ILE A 239 -1.26 7.08 8.25
CA ILE A 239 -0.96 6.56 9.54
C ILE A 239 0.49 5.99 9.48
N LEU A 240 1.31 6.42 10.40
CA LEU A 240 2.64 5.85 10.50
C LEU A 240 2.58 4.99 11.73
N ASP A 241 2.77 3.70 11.51
CA ASP A 241 2.35 2.70 12.48
C ASP A 241 3.50 1.82 12.99
N MSE A 242 3.77 1.91 14.26
CA MSE A 242 4.84 1.07 14.89
C MSE A 242 4.16 -0.07 15.63
O MSE A 242 4.84 -0.93 16.18
CB MSE A 242 5.54 1.77 16.05
CG MSE A 242 6.63 2.68 15.54
SE MSE A 242 7.12 4.04 16.91
CE MSE A 242 6.91 2.90 18.40
N ILE A 243 2.83 0.00 15.74
CA ILE A 243 2.06 -1.00 16.54
C ILE A 243 1.78 -2.29 15.74
N GLY A 244 1.31 -2.18 14.49
CA GLY A 244 0.96 -3.35 13.66
C GLY A 244 -0.35 -4.06 14.11
N ALA A 245 -0.24 -5.36 14.40
CA ALA A 245 -1.41 -6.24 14.66
C ALA A 245 -2.48 -5.67 15.56
N ALA A 246 -2.08 -5.20 16.74
CA ALA A 246 -3.11 -4.83 17.71
C ALA A 246 -3.95 -3.61 17.26
N TYR A 247 -3.38 -2.76 16.37
CA TYR A 247 -4.04 -1.52 15.94
C TYR A 247 -4.43 -1.63 14.49
N PHE A 248 -4.24 -2.79 13.90
CA PHE A 248 -4.51 -2.88 12.45
C PHE A 248 -5.97 -2.53 12.05
N GLU A 249 -6.94 -3.17 12.69
CA GLU A 249 -8.37 -2.89 12.42
C GLU A 249 -8.80 -1.41 12.67
N ARG A 250 -8.53 -0.87 13.85
CA ARG A 250 -8.76 0.56 14.08
C ARG A 250 -7.96 1.45 13.12
N ASN A 251 -6.74 1.05 12.75
CA ASN A 251 -5.97 1.89 11.81
C ASN A 251 -6.66 2.00 10.47
N ILE A 252 -7.04 0.85 9.94
CA ILE A 252 -7.69 0.76 8.68
C ILE A 252 -8.98 1.58 8.77
N ALA A 253 -9.66 1.54 9.92
CA ALA A 253 -10.93 2.28 10.07
C ALA A 253 -10.73 3.80 10.15
N SER A 254 -9.57 4.23 10.65
CA SER A 254 -9.28 5.65 10.81
C SER A 254 -8.72 6.26 9.57
N LEU A 255 -8.60 5.50 8.48
CA LEU A 255 -8.06 6.09 7.25
C LEU A 255 -9.17 6.71 6.40
N ALA A 256 -8.88 7.87 5.80
CA ALA A 256 -9.69 8.42 4.68
C ALA A 256 -9.52 7.63 3.38
N LYS A 257 -10.48 7.82 2.44
CA LYS A 257 -10.38 7.30 1.07
C LYS A 257 -9.03 7.71 0.56
N ASP A 258 -8.34 6.80 -0.18
CA ASP A 258 -7.01 7.00 -0.73
C ASP A 258 -5.88 7.14 0.31
N GLY A 259 -6.21 6.87 1.58
CA GLY A 259 -5.20 6.90 2.62
C GLY A 259 -4.21 5.73 2.60
N CYS A 260 -3.16 5.89 3.39
CA CYS A 260 -1.98 5.07 3.35
C CYS A 260 -1.57 4.74 4.78
N LEU A 261 -1.64 3.44 5.12
CA LEU A 261 -1.13 2.88 6.36
C LEU A 261 0.25 2.41 6.06
N SER A 262 1.17 2.82 6.91
CA SER A 262 2.56 2.57 6.71
C SER A 262 3.13 1.90 7.95
N ILE A 263 3.56 0.64 7.79
CA ILE A 263 3.89 -0.17 8.95
C ILE A 263 5.38 -0.29 9.05
N ILE A 264 5.89 0.11 10.19
CA ILE A 264 7.28 0.51 10.39
C ILE A 264 7.82 -0.40 11.54
N ALA A 265 6.95 -0.96 12.38
CA ALA A 265 7.37 -2.02 13.38
C ALA A 265 6.17 -2.76 13.86
N PHE A 266 6.42 -3.82 14.61
CA PHE A 266 5.35 -4.70 15.10
C PHE A 266 5.34 -4.83 16.59
N LEU A 267 5.43 -3.70 17.26
CA LEU A 267 5.42 -3.68 18.72
C LEU A 267 4.14 -4.27 19.32
N GLY A 268 3.06 -4.26 18.54
CA GLY A 268 1.80 -4.88 18.93
C GLY A 268 1.61 -6.22 18.21
N GLY A 269 2.71 -6.90 17.89
CA GLY A 269 2.64 -8.22 17.23
C GLY A 269 2.41 -8.09 15.74
N ALA A 270 2.82 -9.13 15.01
CA ALA A 270 2.74 -9.13 13.57
C ALA A 270 1.51 -9.90 13.02
N VAL A 271 0.83 -10.65 13.89
CA VAL A 271 -0.28 -11.53 13.48
C VAL A 271 -1.60 -10.97 14.00
N ALA A 272 -2.45 -10.48 13.09
CA ALA A 272 -3.79 -9.94 13.45
C ALA A 272 -4.82 -11.05 13.30
N GLU A 273 -5.74 -11.09 14.27
CA GLU A 273 -6.74 -12.18 14.37
C GLU A 273 -7.80 -12.09 13.29
N LYS A 274 -8.39 -10.90 13.15
CA LYS A 274 -9.14 -10.57 11.93
C LYS A 274 -8.53 -9.43 11.09
N VAL A 275 -8.46 -9.68 9.81
CA VAL A 275 -8.22 -8.62 8.87
C VAL A 275 -9.56 -8.57 8.17
N ASN A 276 -10.32 -7.51 8.44
CA ASN A 276 -11.42 -7.17 7.58
C ASN A 276 -10.87 -6.50 6.32
N LEU A 277 -10.80 -7.18 5.19
CA LEU A 277 -10.05 -6.58 4.10
C LEU A 277 -10.91 -5.57 3.39
N SER A 278 -12.20 -5.69 3.65
CA SER A 278 -13.25 -4.95 2.95
C SER A 278 -13.01 -3.42 2.74
N PRO A 279 -12.75 -2.67 3.86
CA PRO A 279 -12.43 -1.25 3.66
C PRO A 279 -11.16 -0.96 2.88
N ILE A 280 -10.17 -1.87 2.83
CA ILE A 280 -9.08 -1.61 1.94
C ILE A 280 -9.64 -1.37 0.54
N MSE A 281 -10.50 -2.26 0.07
CA MSE A 281 -11.04 -2.19 -1.29
C MSE A 281 -12.03 -1.04 -1.47
O MSE A 281 -11.93 -0.31 -2.43
CB MSE A 281 -11.77 -3.49 -1.63
CG MSE A 281 -12.23 -3.48 -3.10
SE MSE A 281 -13.26 -5.12 -3.53
CE MSE A 281 -14.90 -4.73 -2.55
N VAL A 282 -12.98 -0.89 -0.55
CA VAL A 282 -14.04 0.13 -0.65
C VAL A 282 -13.50 1.57 -0.64
N LYS A 283 -12.45 1.85 0.15
CA LYS A 283 -11.95 3.24 0.31
C LYS A 283 -10.67 3.42 -0.46
N ARG A 284 -10.29 2.37 -1.17
CA ARG A 284 -9.07 2.46 -1.95
C ARG A 284 -7.85 2.75 -1.04
N LEU A 285 -7.70 2.02 0.06
CA LEU A 285 -6.58 2.22 0.98
C LEU A 285 -5.33 1.55 0.42
N THR A 286 -4.17 2.02 0.88
CA THR A 286 -2.88 1.42 0.61
C THR A 286 -2.34 0.99 1.98
N VAL A 287 -1.96 -0.26 2.10
CA VAL A 287 -1.28 -0.73 3.29
C VAL A 287 0.08 -1.06 2.74
N THR A 288 1.11 -0.50 3.38
CA THR A 288 2.47 -0.77 2.96
C THR A 288 3.36 -0.77 4.19
N GLY A 289 4.65 -0.97 4.00
CA GLY A 289 5.56 -0.89 5.13
C GLY A 289 6.98 -0.92 4.62
N SER A 290 7.97 -0.73 5.49
CA SER A 290 9.37 -1.01 5.10
C SER A 290 10.20 -1.06 6.33
N THR A 291 11.43 -1.46 6.12
CA THR A 291 12.30 -1.74 7.22
C THR A 291 13.68 -1.24 6.78
N MSE A 292 14.36 -0.55 7.68
CA MSE A 292 15.67 0.13 7.43
C MSE A 292 16.90 -0.74 7.08
O MSE A 292 17.53 -0.55 6.04
CB MSE A 292 15.99 1.19 8.52
CG MSE A 292 17.17 2.17 8.12
SE MSE A 292 16.89 3.03 6.36
CE MSE A 292 15.15 3.89 6.80
N ARG A 293 17.26 -1.70 7.93
CA ARG A 293 18.57 -2.42 7.80
C ARG A 293 18.87 -3.06 6.45
N PRO A 294 17.93 -3.87 5.91
CA PRO A 294 18.10 -4.56 4.63
C PRO A 294 18.03 -3.70 3.37
N ARG A 295 17.83 -2.41 3.50
CA ARG A 295 17.82 -1.54 2.29
C ARG A 295 19.22 -1.50 1.68
N THR A 296 19.31 -1.31 0.36
CA THR A 296 20.59 -1.26 -0.35
C THR A 296 21.36 0.01 0.00
N ALA A 297 22.66 0.04 -0.35
CA ALA A 297 23.48 1.24 -0.19
C ALA A 297 22.94 2.41 -1.00
N GLU A 298 22.47 2.15 -2.22
CA GLU A 298 21.89 3.27 -2.94
C GLU A 298 20.58 3.82 -2.27
N GLU A 299 19.79 2.92 -1.69
CA GLU A 299 18.52 3.34 -1.12
C GLU A 299 18.74 4.24 0.08
N LYS A 300 19.69 3.82 0.90
CA LYS A 300 20.11 4.62 2.03
C LYS A 300 20.73 5.92 1.56
N ARG A 301 21.59 5.85 0.55
CA ARG A 301 22.18 7.10 0.00
C ARG A 301 21.16 8.17 -0.34
N ALA A 302 20.09 7.74 -0.99
CA ALA A 302 19.04 8.66 -1.45
C ALA A 302 18.30 9.22 -0.25
N ILE A 303 18.21 8.40 0.81
CA ILE A 303 17.58 8.87 2.03
C ILE A 303 18.49 9.95 2.54
N ARG A 304 19.80 9.68 2.46
CA ARG A 304 20.77 10.58 3.09
C ARG A 304 20.74 11.99 2.44
N ASP A 305 20.80 12.01 1.11
CA ASP A 305 20.82 13.25 0.34
C ASP A 305 19.58 14.09 0.56
N ASP A 306 18.44 13.40 0.60
CA ASP A 306 17.15 14.01 0.87
C ASP A 306 17.18 14.74 2.21
N LEU A 307 17.67 14.08 3.26
CA LEU A 307 17.76 14.70 4.59
C LEU A 307 18.72 15.92 4.65
N LEU A 308 19.85 15.78 3.97
CA LEU A 308 20.83 16.87 3.83
C LEU A 308 20.24 18.04 3.06
N SER A 309 19.59 17.78 1.91
CA SER A 309 18.83 18.85 1.24
C SER A 309 17.67 19.30 2.12
N GLU A 310 16.68 18.44 2.37
CA GLU A 310 15.43 18.90 2.95
C GLU A 310 15.40 19.13 4.44
N VAL A 311 16.22 18.43 5.20
CA VAL A 311 16.01 18.43 6.65
C VAL A 311 17.08 19.17 7.44
N TRP A 312 18.34 19.01 7.04
CA TRP A 312 19.41 19.81 7.67
C TRP A 312 19.01 21.29 7.88
N PRO A 313 18.62 22.01 6.83
CA PRO A 313 18.29 23.43 7.05
C PRO A 313 17.40 23.66 8.27
N LEU A 314 16.45 22.76 8.47
CA LEU A 314 15.49 22.92 9.53
C LEU A 314 16.19 22.67 10.84
N LEU A 315 17.10 21.70 10.85
CA LEU A 315 17.91 21.44 12.04
C LEU A 315 18.74 22.67 12.31
N GLU A 316 19.39 23.19 11.26
CA GLU A 316 20.15 24.45 11.28
C GLU A 316 19.36 25.51 12.01
N ALA A 317 18.09 25.67 11.62
CA ALA A 317 17.28 26.80 12.08
C ALA A 317 16.64 26.60 13.45
N GLY A 318 16.78 25.40 14.02
CA GLY A 318 16.15 25.09 15.33
C GLY A 318 14.64 24.87 15.26
N THR A 319 14.11 24.82 14.05
CA THR A 319 12.67 24.56 13.83
C THR A 319 12.31 23.15 14.26
N VAL A 320 13.29 22.26 14.23
CA VAL A 320 13.16 20.86 14.48
C VAL A 320 14.47 20.44 15.11
N ALA A 321 14.39 19.68 16.20
CA ALA A 321 15.56 19.13 16.90
C ALA A 321 15.31 17.73 17.50
N PRO A 322 16.33 16.86 17.55
CA PRO A 322 16.11 15.62 18.29
C PRO A 322 15.70 15.89 19.73
N VAL A 323 14.97 14.96 20.31
CA VAL A 323 14.61 15.07 21.70
C VAL A 323 15.43 14.06 22.50
N ILE A 324 16.37 14.58 23.28
CA ILE A 324 17.30 13.70 23.98
C ILE A 324 16.83 13.49 25.43
N HIS A 325 16.49 12.24 25.76
CA HIS A 325 16.00 11.99 27.10
C HIS A 325 17.08 11.87 28.16
N LYS A 326 18.13 11.10 27.87
CA LYS A 326 19.21 10.92 28.83
C LYS A 326 20.47 10.45 28.11
N VAL A 327 21.61 10.75 28.71
CA VAL A 327 22.87 10.37 28.10
C VAL A 327 23.63 9.45 29.06
N PHE A 328 24.04 8.29 28.58
CA PHE A 328 24.80 7.38 29.43
C PHE A 328 26.22 7.24 28.96
N ALA A 329 27.09 7.00 29.94
CA ALA A 329 28.46 6.66 29.63
C ALA A 329 28.47 5.30 28.94
N PHE A 330 29.20 5.21 27.84
CA PHE A 330 29.37 3.95 27.11
C PHE A 330 29.35 2.69 27.99
N GLU A 331 30.02 2.71 29.13
CA GLU A 331 30.15 1.49 29.93
C GLU A 331 28.83 1.13 30.59
N ASP A 332 27.90 2.07 30.58
CA ASP A 332 26.58 1.79 31.15
C ASP A 332 25.43 1.47 30.13
N VAL A 333 25.75 0.87 28.98
CA VAL A 333 24.72 0.48 28.02
C VAL A 333 23.58 -0.24 28.68
N ALA A 334 23.91 -1.23 29.51
CA ALA A 334 22.89 -2.05 30.14
C ALA A 334 21.85 -1.19 30.87
N ASP A 335 22.25 -0.04 31.40
CA ASP A 335 21.26 0.84 32.04
C ASP A 335 20.45 1.63 31.03
N ALA A 336 21.12 2.08 29.97
CA ALA A 336 20.43 2.74 28.84
C ALA A 336 19.37 1.78 28.29
N HIS A 337 19.69 0.50 28.16
CA HIS A 337 18.72 -0.53 27.75
C HIS A 337 17.59 -0.69 28.76
N ARG A 338 17.95 -0.62 30.04
CA ARG A 338 17.02 -0.75 31.12
C ARG A 338 16.00 0.32 30.93
N LEU A 339 16.47 1.57 30.96
CA LEU A 339 15.61 2.75 30.76
C LEU A 339 14.60 2.51 29.63
N LEU A 340 15.12 2.18 28.43
CA LEU A 340 14.25 1.92 27.29
C LEU A 340 13.21 0.85 27.59
N GLU A 341 13.62 -0.26 28.19
CA GLU A 341 12.66 -1.31 28.50
C GLU A 341 11.52 -0.85 29.42
N GLU A 342 11.85 -0.03 30.42
CA GLU A 342 10.89 0.64 31.30
C GLU A 342 9.81 1.36 30.47
N GLY A 343 10.24 2.21 29.51
CA GLY A 343 9.30 2.99 28.70
C GLY A 343 9.07 4.39 29.25
N SER A 344 9.95 4.79 30.16
CA SER A 344 9.80 6.05 30.88
C SER A 344 10.28 7.30 30.10
N HIS A 345 10.66 7.15 28.85
CA HIS A 345 11.41 8.18 28.19
C HIS A 345 10.54 8.95 27.25
N VAL A 346 10.99 10.17 26.91
CA VAL A 346 10.49 10.91 25.75
C VAL A 346 11.73 11.19 24.91
N GLY A 347 11.79 10.63 23.71
CA GLY A 347 12.96 10.76 22.83
C GLY A 347 14.05 9.69 23.00
N LYS A 348 15.30 10.06 22.68
CA LYS A 348 16.37 9.08 22.61
C LYS A 348 17.11 8.93 23.90
N VAL A 349 17.71 7.77 24.03
CA VAL A 349 18.64 7.43 25.06
C VAL A 349 19.97 7.27 24.35
N MSE A 350 21.01 7.91 24.90
CA MSE A 350 22.28 8.09 24.17
C MSE A 350 23.49 7.64 24.95
O MSE A 350 23.49 7.66 26.18
CB MSE A 350 22.43 9.57 23.82
CG MSE A 350 21.30 10.16 22.97
SE MSE A 350 21.14 9.29 21.19
CE MSE A 350 22.99 9.44 20.54
N LEU A 351 24.54 7.27 24.24
CA LEU A 351 25.78 6.87 24.86
C LEU A 351 26.85 7.89 24.47
N THR A 352 27.59 8.40 25.47
CA THR A 352 28.86 9.15 25.24
C THR A 352 30.06 8.24 25.42
N VAL A 353 31.08 8.39 24.59
CA VAL A 353 32.31 7.59 24.83
C VAL A 353 33.38 8.29 25.70
N LEU B 25 -40.55 7.12 -30.03
CA LEU B 25 -40.29 6.42 -28.73
C LEU B 25 -41.56 5.94 -28.05
N PRO B 26 -41.52 4.77 -27.41
CA PRO B 26 -42.74 4.30 -26.73
C PRO B 26 -43.13 5.17 -25.53
N GLN B 27 -44.20 4.75 -24.88
CA GLN B 27 -44.67 5.34 -23.64
C GLN B 27 -43.90 4.72 -22.49
N GLU B 28 -44.19 3.45 -22.26
CA GLU B 28 -43.49 2.59 -21.31
C GLU B 28 -42.44 1.70 -22.01
N MSE B 29 -41.50 1.20 -21.22
CA MSE B 29 -40.54 0.17 -21.64
C MSE B 29 -40.58 -0.98 -20.68
O MSE B 29 -40.97 -0.78 -19.50
CB MSE B 29 -39.12 0.71 -21.57
CG MSE B 29 -38.83 1.36 -20.23
SE MSE B 29 -36.90 1.73 -20.19
CE MSE B 29 -36.70 3.65 -20.17
N ARG B 30 -40.19 -2.16 -21.16
CA ARG B 30 -40.06 -3.32 -20.29
C ARG B 30 -38.76 -3.19 -19.53
N PHE B 31 -38.80 -3.40 -18.21
CA PHE B 31 -37.58 -3.52 -17.44
C PHE B 31 -37.65 -4.72 -16.51
N VAL B 32 -36.48 -5.13 -15.99
CA VAL B 32 -36.42 -6.23 -15.05
C VAL B 32 -36.64 -5.61 -13.68
N ASP B 33 -37.58 -6.21 -12.96
CA ASP B 33 -37.99 -5.73 -11.65
C ASP B 33 -38.06 -6.92 -10.72
N LEU B 34 -38.11 -6.63 -9.41
CA LEU B 34 -38.09 -7.68 -8.42
C LEU B 34 -39.36 -7.65 -7.60
N LYS B 35 -39.90 -8.85 -7.41
CA LYS B 35 -40.99 -9.16 -6.50
C LYS B 35 -40.63 -8.89 -5.02
N SER B 36 -39.33 -8.90 -4.68
CA SER B 36 -38.85 -8.62 -3.31
C SER B 36 -37.30 -8.58 -3.16
N PHE B 37 -36.71 -9.72 -2.74
CA PHE B 37 -35.28 -10.03 -2.80
C PHE B 37 -35.26 -11.55 -2.69
N GLY B 38 -34.41 -12.18 -3.51
CA GLY B 38 -34.42 -13.65 -3.73
C GLY B 38 -33.03 -14.03 -4.22
N GLY B 39 -32.84 -15.13 -4.95
CA GLY B 39 -33.88 -15.88 -5.66
C GLY B 39 -33.88 -15.41 -7.11
N PRO B 40 -33.28 -16.18 -8.04
CA PRO B 40 -33.48 -15.82 -9.46
C PRO B 40 -34.94 -15.43 -9.75
N ASP B 41 -35.87 -16.19 -9.16
CA ASP B 41 -37.30 -16.08 -9.39
C ASP B 41 -37.85 -14.75 -8.94
N VAL B 42 -37.20 -14.11 -7.97
CA VAL B 42 -37.65 -12.80 -7.53
C VAL B 42 -37.76 -11.82 -8.72
N MSE B 43 -37.01 -12.08 -9.79
CA MSE B 43 -36.99 -11.21 -10.96
C MSE B 43 -38.16 -11.44 -11.88
O MSE B 43 -38.51 -12.58 -12.16
CB MSE B 43 -35.75 -11.49 -11.78
CG MSE B 43 -34.52 -11.00 -11.03
SE MSE B 43 -32.90 -11.40 -12.10
CE MSE B 43 -32.60 -9.49 -11.84
N VAL B 44 -38.73 -10.34 -12.40
CA VAL B 44 -39.85 -10.41 -13.35
C VAL B 44 -39.84 -9.23 -14.30
N ILE B 45 -40.35 -9.46 -15.52
CA ILE B 45 -40.38 -8.42 -16.56
C ILE B 45 -41.54 -7.43 -16.34
N GLY B 46 -41.22 -6.32 -15.67
CA GLY B 46 -42.19 -5.29 -15.40
C GLY B 46 -42.18 -4.29 -16.52
N LYS B 47 -42.57 -3.06 -16.18
CA LYS B 47 -43.01 -2.11 -17.18
C LYS B 47 -43.12 -0.75 -16.52
N ARG B 48 -42.56 0.28 -17.14
CA ARG B 48 -42.74 1.68 -16.68
C ARG B 48 -42.06 2.70 -17.60
N PRO B 49 -42.11 4.01 -17.27
CA PRO B 49 -41.68 4.97 -18.29
C PRO B 49 -40.21 4.92 -18.62
N LEU B 50 -39.81 5.78 -19.56
CA LEU B 50 -38.48 5.87 -20.11
C LEU B 50 -37.68 7.02 -19.47
N PRO B 51 -36.37 6.80 -19.17
CA PRO B 51 -35.56 7.86 -18.57
C PRO B 51 -35.49 9.08 -19.46
N VAL B 52 -35.26 10.25 -18.84
CA VAL B 52 -35.21 11.48 -19.60
C VAL B 52 -33.90 11.64 -20.39
N ALA B 53 -32.85 12.12 -19.72
CA ALA B 53 -31.53 12.40 -20.32
C ALA B 53 -31.12 13.86 -20.12
N GLY B 54 -30.46 14.11 -18.99
CA GLY B 54 -30.07 15.45 -18.58
C GLY B 54 -28.71 15.95 -19.06
N GLU B 55 -28.08 16.78 -18.23
CA GLU B 55 -26.74 17.27 -18.50
C GLU B 55 -25.81 16.11 -18.83
N GLY B 56 -25.06 16.25 -19.91
CA GLY B 56 -24.15 15.20 -20.41
C GLY B 56 -24.58 13.75 -20.21
N GLU B 57 -25.79 13.41 -20.60
CA GLU B 57 -26.24 12.05 -20.65
C GLU B 57 -26.69 11.81 -22.06
N VAL B 58 -27.00 10.57 -22.37
CA VAL B 58 -27.42 10.19 -23.69
C VAL B 58 -28.43 9.11 -23.37
N LEU B 59 -29.38 8.88 -24.27
CA LEU B 59 -30.35 7.83 -24.08
C LEU B 59 -30.03 6.77 -25.09
N VAL B 60 -30.06 5.52 -24.68
CA VAL B 60 -29.63 4.43 -25.55
C VAL B 60 -30.72 3.42 -25.52
N ARG B 61 -31.11 2.92 -26.71
CA ARG B 61 -32.04 1.81 -26.93
C ARG B 61 -31.18 0.56 -27.02
N ALA B 62 -31.43 -0.34 -26.11
CA ALA B 62 -30.59 -1.45 -25.88
C ALA B 62 -30.77 -2.55 -26.90
N GLU B 63 -29.66 -3.03 -27.43
CA GLU B 63 -29.70 -4.28 -28.16
C GLU B 63 -29.15 -5.36 -27.30
N ALA B 64 -28.13 -5.03 -26.51
CA ALA B 64 -27.50 -6.04 -25.66
C ALA B 64 -27.10 -5.56 -24.27
N ILE B 65 -27.08 -6.49 -23.33
CA ILE B 65 -26.91 -6.14 -21.90
C ILE B 65 -26.06 -7.18 -21.21
N GLY B 66 -25.02 -6.73 -20.53
CA GLY B 66 -24.13 -7.60 -19.74
C GLY B 66 -24.69 -8.14 -18.43
N VAL B 67 -24.43 -9.39 -18.14
CA VAL B 67 -24.73 -9.84 -16.79
C VAL B 67 -23.44 -10.04 -15.96
N ASN B 68 -23.43 -9.44 -14.79
CA ASN B 68 -22.27 -9.38 -13.91
C ASN B 68 -22.60 -9.74 -12.47
N ARG B 69 -21.58 -10.28 -11.79
CA ARG B 69 -21.64 -10.78 -10.45
C ARG B 69 -22.37 -9.80 -9.51
N PRO B 70 -22.00 -8.52 -9.50
CA PRO B 70 -22.77 -7.61 -8.61
C PRO B 70 -24.30 -7.61 -8.82
N ASP B 71 -24.78 -8.10 -9.95
CA ASP B 71 -26.20 -8.08 -10.21
C ASP B 71 -26.91 -9.12 -9.31
N ILE B 72 -26.28 -10.29 -9.15
CA ILE B 72 -26.79 -11.33 -8.26
C ILE B 72 -26.92 -10.74 -6.87
N ALA B 73 -25.84 -10.11 -6.42
CA ALA B 73 -25.77 -9.54 -5.07
C ALA B 73 -26.94 -8.61 -4.79
N GLN B 74 -27.30 -7.82 -5.78
CA GLN B 74 -28.40 -6.88 -5.68
C GLN B 74 -29.76 -7.58 -5.68
N ARG B 75 -29.96 -8.53 -6.60
CA ARG B 75 -31.18 -9.33 -6.67
C ARG B 75 -31.45 -10.03 -5.32
N GLN B 76 -30.36 -10.21 -4.58
CA GLN B 76 -30.37 -10.75 -3.24
C GLN B 76 -30.57 -9.71 -2.16
N GLY B 77 -30.30 -8.44 -2.46
CA GLY B 77 -30.46 -7.34 -1.48
C GLY B 77 -29.23 -7.22 -0.59
N SER B 78 -28.39 -8.24 -0.72
CA SER B 78 -27.04 -8.29 -0.20
C SER B 78 -26.20 -7.01 -0.39
N TYR B 79 -26.24 -6.38 -1.56
CA TYR B 79 -25.48 -5.16 -1.76
C TYR B 79 -26.43 -4.06 -2.16
N PRO B 80 -26.25 -2.88 -1.58
CA PRO B 80 -26.92 -1.67 -2.03
C PRO B 80 -26.46 -1.24 -3.41
N PRO B 81 -27.35 -0.62 -4.20
CA PRO B 81 -26.85 0.24 -5.27
C PRO B 81 -26.55 1.62 -4.69
N PRO B 82 -25.50 2.29 -5.20
CA PRO B 82 -25.22 3.68 -4.81
C PRO B 82 -26.47 4.55 -4.94
N LYS B 83 -26.54 5.60 -4.13
CA LYS B 83 -27.78 6.32 -3.99
C LYS B 83 -28.01 7.36 -5.10
N ASP B 84 -26.94 7.75 -5.80
CA ASP B 84 -27.04 8.74 -6.90
C ASP B 84 -27.33 8.12 -8.28
N ALA B 85 -27.62 6.82 -8.30
CA ALA B 85 -27.73 6.05 -9.52
C ALA B 85 -29.05 5.24 -9.64
N SER B 86 -29.35 4.74 -10.83
CA SER B 86 -30.54 3.91 -11.01
C SER B 86 -30.53 2.71 -10.08
N PRO B 87 -31.70 2.41 -9.49
CA PRO B 87 -31.84 1.27 -8.61
C PRO B 87 -32.17 0.01 -9.42
N ILE B 88 -32.19 0.13 -10.75
CA ILE B 88 -32.50 -1.01 -11.58
C ILE B 88 -31.19 -1.76 -11.80
N LEU B 89 -31.24 -3.10 -11.81
CA LEU B 89 -30.02 -3.86 -12.17
C LEU B 89 -29.45 -3.31 -13.49
N GLY B 90 -28.14 -3.45 -13.73
CA GLY B 90 -27.51 -2.55 -14.70
C GLY B 90 -26.08 -2.83 -15.03
N LEU B 91 -25.31 -1.75 -15.11
CA LEU B 91 -23.83 -1.77 -15.36
C LEU B 91 -23.33 -1.67 -16.78
N GLU B 92 -23.84 -2.51 -17.66
CA GLU B 92 -23.27 -2.66 -19.01
C GLU B 92 -24.33 -2.77 -20.12
N LEU B 93 -24.22 -1.98 -21.18
CA LEU B 93 -25.03 -2.31 -22.36
C LEU B 93 -24.42 -1.82 -23.67
N SER B 94 -25.00 -2.28 -24.78
CA SER B 94 -24.75 -1.65 -26.06
C SER B 94 -26.07 -1.38 -26.81
N GLY B 95 -26.02 -0.39 -27.69
CA GLY B 95 -27.12 -0.18 -28.63
C GLY B 95 -27.08 1.17 -29.31
N GLU B 96 -28.26 1.66 -29.61
CA GLU B 96 -28.40 2.84 -30.46
C GLU B 96 -28.82 4.01 -29.60
N ILE B 97 -28.06 5.09 -29.68
CA ILE B 97 -28.51 6.36 -29.17
C ILE B 97 -29.85 6.75 -29.81
N VAL B 98 -30.76 7.20 -28.97
CA VAL B 98 -32.12 7.41 -29.38
C VAL B 98 -32.54 8.76 -28.79
N GLY B 99 -31.55 9.48 -28.27
CA GLY B 99 -31.74 10.77 -27.64
C GLY B 99 -30.44 11.30 -27.10
N VAL B 100 -30.27 12.61 -27.14
CA VAL B 100 -29.14 13.31 -26.54
C VAL B 100 -29.68 14.35 -25.55
N GLY B 101 -28.76 14.94 -24.78
CA GLY B 101 -29.08 15.99 -23.83
C GLY B 101 -28.17 17.19 -24.02
N PRO B 102 -28.28 18.18 -23.13
CA PRO B 102 -27.42 19.37 -23.19
C PRO B 102 -25.98 19.10 -22.71
N TYR B 107 -21.51 13.12 -30.20
CA TYR B 107 -22.47 12.01 -30.29
C TYR B 107 -23.83 12.40 -30.90
N ALA B 108 -24.49 11.47 -31.58
CA ALA B 108 -25.71 11.78 -32.33
C ALA B 108 -26.69 10.61 -32.42
N VAL B 109 -27.97 10.91 -32.54
CA VAL B 109 -29.01 9.89 -32.61
C VAL B 109 -28.67 8.85 -33.69
N GLY B 110 -29.11 7.62 -33.51
CA GLY B 110 -28.68 6.56 -34.41
C GLY B 110 -27.23 6.10 -34.32
N ASP B 111 -26.37 6.81 -33.57
CA ASP B 111 -24.99 6.30 -33.26
C ASP B 111 -25.04 5.03 -32.39
N LYS B 112 -24.23 4.06 -32.80
CA LYS B 112 -24.07 2.81 -32.13
C LYS B 112 -22.90 2.93 -31.14
N VAL B 113 -23.20 2.52 -29.92
CA VAL B 113 -22.34 2.76 -28.77
C VAL B 113 -22.59 1.74 -27.70
N CYS B 114 -21.56 1.52 -26.89
CA CYS B 114 -21.67 0.69 -25.71
C CYS B 114 -21.06 1.51 -24.57
N GLY B 115 -21.37 1.13 -23.34
CA GLY B 115 -20.88 1.90 -22.21
C GLY B 115 -21.18 1.33 -20.83
N LEU B 116 -20.55 1.95 -19.84
CA LEU B 116 -20.70 1.63 -18.45
C LEU B 116 -21.84 2.50 -17.94
N ALA B 117 -22.90 1.82 -17.53
CA ALA B 117 -24.06 2.44 -16.96
C ALA B 117 -23.95 2.45 -15.43
N ASN B 118 -24.19 3.61 -14.82
CA ASN B 118 -24.55 3.70 -13.39
C ASN B 118 -25.88 2.98 -13.11
N GLY B 119 -25.92 1.69 -13.36
CA GLY B 119 -27.16 0.95 -13.12
C GLY B 119 -28.24 1.26 -14.14
N GLY B 120 -29.33 0.50 -14.07
CA GLY B 120 -30.47 0.72 -14.97
C GLY B 120 -30.29 0.18 -16.37
N ALA B 121 -29.36 -0.74 -16.54
CA ALA B 121 -29.05 -1.28 -17.85
C ALA B 121 -29.98 -2.38 -18.25
N TYR B 122 -30.59 -3.04 -17.25
CA TYR B 122 -31.52 -4.14 -17.49
C TYR B 122 -32.87 -3.66 -18.01
N ALA B 123 -32.85 -2.73 -18.97
CA ALA B 123 -34.05 -2.11 -19.55
C ALA B 123 -33.96 -1.98 -21.09
N GLU B 124 -35.09 -1.71 -21.73
CA GLU B 124 -35.07 -1.46 -23.18
C GLU B 124 -34.38 -0.18 -23.57
N TYR B 125 -34.34 0.78 -22.64
CA TYR B 125 -33.64 2.06 -22.85
C TYR B 125 -33.01 2.39 -21.51
N CYS B 126 -31.86 3.04 -21.55
CA CYS B 126 -31.04 3.32 -20.39
C CYS B 126 -30.16 4.52 -20.74
N LEU B 127 -29.99 5.43 -19.78
CA LEU B 127 -29.06 6.56 -19.90
C LEU B 127 -27.61 6.13 -19.88
N LEU B 128 -26.75 7.03 -20.34
CA LEU B 128 -25.29 6.91 -20.18
C LEU B 128 -24.70 8.30 -20.03
N PRO B 129 -23.76 8.50 -19.07
CA PRO B 129 -23.00 9.75 -19.03
C PRO B 129 -22.00 9.79 -20.17
N ALA B 130 -21.89 10.93 -20.84
CA ALA B 130 -20.98 11.05 -21.99
C ALA B 130 -19.54 10.65 -21.76
N GLY B 131 -19.11 10.57 -20.50
CA GLY B 131 -17.75 10.16 -20.23
C GLY B 131 -17.59 8.65 -20.25
N GLN B 132 -18.69 7.93 -20.39
CA GLN B 132 -18.68 6.49 -20.17
C GLN B 132 -19.13 5.70 -21.41
N ILE B 133 -19.24 6.41 -22.54
CA ILE B 133 -19.71 5.88 -23.82
C ILE B 133 -18.52 5.52 -24.67
N LEU B 134 -18.60 4.40 -25.42
CA LEU B 134 -17.61 4.08 -26.42
C LEU B 134 -18.28 3.56 -27.70
N PRO B 135 -17.61 3.77 -28.85
CA PRO B 135 -18.11 3.25 -30.14
C PRO B 135 -18.00 1.77 -30.12
N PHE B 136 -18.86 1.05 -30.85
CA PHE B 136 -18.62 -0.35 -31.12
C PHE B 136 -17.25 -0.34 -31.81
N PRO B 137 -16.39 -1.31 -31.47
CA PRO B 137 -15.17 -1.48 -32.28
C PRO B 137 -15.53 -2.14 -33.60
N LYS B 138 -14.79 -1.84 -34.67
CA LYS B 138 -15.13 -2.30 -36.04
C LYS B 138 -15.35 -3.79 -36.18
N GLY B 139 -16.50 -4.15 -36.74
CA GLY B 139 -16.88 -5.53 -36.88
C GLY B 139 -17.53 -6.25 -35.71
N TYR B 140 -17.78 -5.55 -34.60
CA TYR B 140 -18.44 -6.22 -33.47
C TYR B 140 -19.98 -6.32 -33.57
N ASP B 141 -20.52 -7.51 -33.33
CA ASP B 141 -21.86 -7.79 -32.75
C ASP B 141 -22.35 -6.71 -31.72
N ALA B 142 -23.63 -6.74 -31.40
CA ALA B 142 -24.15 -5.98 -30.23
C ALA B 142 -23.67 -6.64 -28.95
N VAL B 143 -23.74 -7.97 -28.95
CA VAL B 143 -23.41 -8.79 -27.81
C VAL B 143 -21.94 -8.60 -27.43
N LYS B 144 -21.04 -8.66 -28.42
CA LYS B 144 -19.61 -8.51 -28.16
C LYS B 144 -19.30 -7.18 -27.53
N ALA B 145 -19.82 -6.09 -28.09
CA ALA B 145 -19.58 -4.72 -27.58
C ALA B 145 -20.11 -4.46 -26.17
N ALA B 146 -21.26 -5.06 -25.86
CA ALA B 146 -21.87 -4.90 -24.55
C ALA B 146 -21.09 -5.74 -23.51
N ALA B 147 -20.27 -6.68 -23.99
CA ALA B 147 -19.44 -7.52 -23.16
C ALA B 147 -18.21 -6.79 -22.67
N LEU B 148 -18.00 -5.58 -23.17
CA LEU B 148 -16.78 -4.83 -22.84
C LEU B 148 -16.71 -3.97 -21.55
N PRO B 149 -17.71 -3.09 -21.29
CA PRO B 149 -17.48 -2.00 -20.32
C PRO B 149 -17.07 -2.44 -18.89
N GLU B 150 -17.88 -3.28 -18.26
CA GLU B 150 -17.65 -3.60 -16.86
C GLU B 150 -16.28 -4.21 -16.60
N THR B 151 -15.88 -5.07 -17.52
CA THR B 151 -14.73 -5.94 -17.34
C THR B 151 -13.42 -5.17 -17.72
N PHE B 152 -13.48 -4.42 -18.81
CA PHE B 152 -12.38 -3.60 -19.27
C PHE B 152 -12.09 -2.35 -18.39
N PHE B 153 -13.13 -1.66 -17.90
CA PHE B 153 -12.95 -0.54 -16.98
C PHE B 153 -12.28 -1.07 -15.73
N THR B 154 -12.81 -2.15 -15.20
CA THR B 154 -12.26 -2.76 -14.00
C THR B 154 -10.78 -3.14 -14.12
N VAL B 155 -10.42 -3.96 -15.11
CA VAL B 155 -9.05 -4.41 -15.26
C VAL B 155 -8.19 -3.17 -15.55
N TRP B 156 -8.72 -2.27 -16.38
CA TRP B 156 -7.87 -1.15 -16.78
C TRP B 156 -7.51 -0.30 -15.61
N ALA B 157 -8.46 -0.12 -14.71
CA ALA B 157 -8.31 0.86 -13.66
C ALA B 157 -7.42 0.32 -12.57
N ASN B 158 -7.52 -0.99 -12.35
CA ASN B 158 -6.81 -1.61 -11.25
C ASN B 158 -5.42 -2.11 -11.64
N LEU B 159 -5.35 -2.76 -12.78
CA LEU B 159 -4.12 -3.34 -13.20
C LEU B 159 -3.23 -2.31 -13.96
N PHE B 160 -3.82 -1.36 -14.70
CA PHE B 160 -2.98 -0.39 -15.44
C PHE B 160 -2.89 0.95 -14.73
N GLN B 161 -4.02 1.56 -14.41
CA GLN B 161 -3.92 2.86 -13.75
C GLN B 161 -3.26 2.75 -12.37
N MSE B 162 -3.92 2.04 -11.43
CA MSE B 162 -3.41 1.99 -10.07
C MSE B 162 -2.11 1.21 -10.01
O MSE B 162 -1.18 1.64 -9.39
CB MSE B 162 -4.41 1.43 -9.09
CG MSE B 162 -5.71 2.26 -9.13
SE MSE B 162 -7.05 1.37 -7.99
CE MSE B 162 -5.89 1.58 -6.41
N ALA B 163 -2.02 0.07 -10.67
CA ALA B 163 -0.89 -0.83 -10.39
C ALA B 163 0.27 -0.58 -11.33
N GLY B 164 0.02 0.18 -12.40
CA GLY B 164 1.03 0.52 -13.39
C GLY B 164 1.70 -0.70 -14.01
N LEU B 165 0.93 -1.62 -14.52
CA LEU B 165 1.51 -2.76 -15.20
C LEU B 165 2.31 -2.26 -16.41
N THR B 166 3.53 -2.80 -16.59
CA THR B 166 4.31 -2.56 -17.84
C THR B 166 5.05 -3.79 -18.27
N GLU B 167 5.54 -3.73 -19.52
CA GLU B 167 6.22 -4.83 -20.22
C GLU B 167 7.32 -5.41 -19.37
N GLY B 168 7.42 -6.72 -19.32
CA GLY B 168 8.51 -7.30 -18.58
C GLY B 168 8.13 -7.61 -17.15
N GLU B 169 7.09 -6.95 -16.64
CA GLU B 169 6.64 -7.26 -15.29
C GLU B 169 5.85 -8.54 -15.25
N SER B 170 5.80 -9.16 -14.08
CA SER B 170 5.03 -10.39 -13.97
C SER B 170 3.76 -10.22 -13.14
N VAL B 171 2.71 -10.93 -13.57
CA VAL B 171 1.38 -10.82 -13.00
C VAL B 171 0.68 -12.15 -12.77
N LEU B 172 0.06 -12.26 -11.61
CA LEU B 172 -0.77 -13.38 -11.30
C LEU B 172 -2.24 -12.93 -11.17
N ILE B 173 -3.14 -13.61 -11.90
CA ILE B 173 -4.53 -13.29 -11.89
C ILE B 173 -5.34 -14.45 -11.33
N HIS B 174 -6.01 -14.26 -10.20
CA HIS B 174 -7.01 -15.19 -9.78
C HIS B 174 -8.26 -15.07 -10.58
N GLY B 175 -9.13 -16.10 -10.55
CA GLY B 175 -10.38 -16.12 -11.34
C GLY B 175 -10.23 -16.07 -12.86
N GLY B 176 -9.27 -16.82 -13.39
CA GLY B 176 -8.92 -16.65 -14.79
C GLY B 176 -10.00 -16.93 -15.84
N THR B 177 -11.03 -17.69 -15.48
CA THR B 177 -12.10 -18.04 -16.43
C THR B 177 -13.29 -17.15 -16.24
N SER B 178 -13.19 -16.25 -15.28
CA SER B 178 -14.08 -15.12 -15.10
C SER B 178 -14.05 -14.21 -16.31
N GLY B 179 -15.10 -13.40 -16.46
CA GLY B 179 -15.10 -12.25 -17.40
C GLY B 179 -13.92 -11.29 -17.21
N ILE B 180 -13.71 -10.88 -15.95
CA ILE B 180 -12.61 -10.01 -15.55
C ILE B 180 -11.33 -10.82 -15.76
N GLY B 181 -11.32 -12.09 -15.33
CA GLY B 181 -10.10 -12.89 -15.44
C GLY B 181 -9.55 -12.95 -16.87
N THR B 182 -10.44 -13.33 -17.80
CA THR B 182 -10.07 -13.54 -19.19
C THR B 182 -9.66 -12.20 -19.80
N THR B 183 -10.24 -11.12 -19.33
CA THR B 183 -9.87 -9.82 -19.81
C THR B 183 -8.51 -9.45 -19.30
N ALA B 184 -8.32 -9.52 -17.98
CA ALA B 184 -6.97 -9.29 -17.44
C ALA B 184 -5.83 -10.05 -18.16
N ILE B 185 -6.08 -11.34 -18.46
CA ILE B 185 -5.03 -12.21 -19.01
C ILE B 185 -4.64 -11.71 -20.38
N GLN B 186 -5.64 -11.55 -21.24
CA GLN B 186 -5.39 -11.05 -22.58
C GLN B 186 -4.69 -9.70 -22.57
N LEU B 187 -5.12 -8.76 -21.72
CA LEU B 187 -4.51 -7.43 -21.71
C LEU B 187 -3.08 -7.41 -21.12
N ALA B 188 -2.90 -8.11 -20.00
CA ALA B 188 -1.55 -8.35 -19.46
C ALA B 188 -0.62 -8.98 -20.51
N ARG B 189 -1.10 -10.00 -21.22
CA ARG B 189 -0.27 -10.58 -22.27
C ARG B 189 0.06 -9.52 -23.30
N ALA B 190 -0.97 -8.81 -23.76
CA ALA B 190 -0.82 -7.89 -24.91
C ALA B 190 0.17 -6.73 -24.68
N PHE B 191 0.33 -6.35 -23.42
CA PHE B 191 1.26 -5.30 -23.01
C PHE B 191 2.64 -5.80 -22.58
N GLY B 192 2.97 -7.05 -22.89
CA GLY B 192 4.33 -7.61 -22.65
C GLY B 192 4.67 -8.08 -21.25
N ALA B 193 3.64 -8.32 -20.42
CA ALA B 193 3.81 -8.96 -19.11
C ALA B 193 3.96 -10.47 -19.24
N GLU B 194 4.56 -11.06 -18.22
CA GLU B 194 4.68 -12.50 -18.08
C GLU B 194 3.45 -12.90 -17.24
N VAL B 195 2.64 -13.86 -17.71
CA VAL B 195 1.37 -14.11 -17.05
C VAL B 195 1.02 -15.49 -16.48
N TYR B 196 0.56 -15.47 -15.24
CA TYR B 196 0.16 -16.65 -14.53
C TYR B 196 -1.28 -16.49 -14.09
N ALA B 197 -2.00 -17.61 -14.04
CA ALA B 197 -3.41 -17.60 -13.65
C ALA B 197 -3.90 -18.84 -12.92
N THR B 198 -4.93 -18.62 -12.13
CA THR B 198 -5.58 -19.55 -11.29
C THR B 198 -7.04 -19.62 -11.77
N ALA B 199 -7.66 -20.79 -11.64
CA ALA B 199 -8.99 -21.08 -12.19
C ALA B 199 -9.56 -22.39 -11.66
N ALA B 207 -7.26 -23.28 -20.99
CA ALA B 207 -8.14 -22.13 -21.27
C ALA B 207 -7.36 -20.85 -21.03
N CYS B 208 -6.80 -20.77 -19.83
CA CYS B 208 -5.98 -19.64 -19.47
C CYS B 208 -4.70 -19.51 -20.33
N GLU B 209 -4.03 -20.63 -20.60
CA GLU B 209 -2.83 -20.55 -21.45
C GLU B 209 -3.17 -20.10 -22.87
N ARG B 210 -4.25 -20.65 -23.40
CA ARG B 210 -4.77 -20.26 -24.72
C ARG B 210 -4.92 -18.71 -24.82
N LEU B 211 -5.51 -18.11 -23.78
CA LEU B 211 -5.74 -16.65 -23.72
C LEU B 211 -4.48 -15.78 -23.63
N GLY B 212 -3.42 -16.31 -23.02
CA GLY B 212 -2.10 -15.66 -23.00
C GLY B 212 -1.25 -16.00 -21.76
N ALA B 213 -1.80 -16.75 -20.80
CA ALA B 213 -1.03 -17.08 -19.61
C ALA B 213 0.18 -17.95 -19.96
N LYS B 214 1.35 -17.55 -19.52
CA LYS B 214 2.51 -18.40 -19.50
C LYS B 214 2.10 -19.76 -18.89
N ARG B 215 1.39 -19.71 -17.76
CA ARG B 215 1.05 -20.92 -17.05
C ARG B 215 -0.25 -20.84 -16.28
N GLY B 216 -1.20 -21.66 -16.70
CA GLY B 216 -2.43 -21.92 -15.98
C GLY B 216 -2.11 -22.76 -14.79
N ILE B 217 -2.58 -22.32 -13.63
CA ILE B 217 -2.29 -22.98 -12.36
C ILE B 217 -3.58 -23.51 -11.77
N ASN B 218 -3.61 -24.83 -11.61
CA ASN B 218 -4.72 -25.51 -10.98
C ASN B 218 -4.63 -25.23 -9.45
N TYR B 219 -5.66 -24.59 -8.88
CA TYR B 219 -5.59 -24.18 -7.45
C TYR B 219 -5.78 -25.35 -6.48
N ARG B 220 -6.78 -26.16 -6.85
CA ARG B 220 -7.14 -27.42 -6.20
C ARG B 220 -5.97 -28.38 -5.96
N SER B 221 -5.04 -28.48 -6.90
CA SER B 221 -4.01 -29.50 -6.82
C SER B 221 -2.62 -28.93 -6.71
N GLU B 222 -2.40 -27.73 -7.20
CA GLU B 222 -1.09 -27.17 -7.01
C GLU B 222 -1.14 -26.08 -5.96
N ASP B 223 0.02 -25.79 -5.38
CA ASP B 223 0.12 -24.69 -4.45
C ASP B 223 0.62 -23.50 -5.26
N PHE B 224 -0.20 -22.47 -5.41
CA PHE B 224 0.16 -21.36 -6.31
C PHE B 224 1.36 -20.53 -5.84
N ALA B 225 1.49 -20.37 -4.53
CA ALA B 225 2.71 -19.75 -3.93
C ALA B 225 3.96 -20.53 -4.33
N ALA B 226 3.92 -21.88 -4.17
CA ALA B 226 5.04 -22.74 -4.53
C ALA B 226 5.35 -22.60 -6.04
N VAL B 227 4.32 -22.74 -6.87
CA VAL B 227 4.51 -22.54 -8.34
C VAL B 227 5.19 -21.21 -8.75
N ILE B 228 4.65 -20.12 -8.20
CA ILE B 228 5.14 -18.77 -8.42
C ILE B 228 6.59 -18.61 -7.98
N LYS B 229 6.93 -19.15 -6.81
CA LYS B 229 8.32 -19.15 -6.36
C LYS B 229 9.21 -19.89 -7.37
N ALA B 230 8.79 -21.10 -7.77
CA ALA B 230 9.52 -21.86 -8.78
C ALA B 230 9.65 -21.11 -10.14
N GLU B 231 8.55 -20.60 -10.68
CA GLU B 231 8.60 -19.90 -11.98
C GLU B 231 9.26 -18.51 -12.00
N THR B 232 9.17 -17.74 -10.91
CA THR B 232 9.74 -16.39 -10.97
C THR B 232 11.00 -16.35 -10.14
N GLY B 233 11.77 -15.29 -10.30
CA GLY B 233 12.86 -15.04 -9.35
C GLY B 233 12.37 -15.11 -7.89
N GLN B 234 12.07 -13.93 -7.37
CA GLN B 234 11.68 -13.79 -5.97
C GLN B 234 10.20 -13.46 -5.80
N GLY B 235 9.37 -14.05 -6.65
CA GLY B 235 7.94 -13.83 -6.62
C GLY B 235 7.47 -12.98 -7.78
N VAL B 236 6.17 -12.73 -7.81
CA VAL B 236 5.51 -11.97 -8.88
C VAL B 236 5.34 -10.45 -8.52
N ASP B 237 5.34 -9.58 -9.51
CA ASP B 237 5.22 -8.15 -9.24
C ASP B 237 3.80 -7.69 -8.87
N ILE B 238 2.79 -8.29 -9.47
CA ILE B 238 1.43 -7.81 -9.31
C ILE B 238 0.49 -8.97 -9.19
N ILE B 239 -0.36 -8.94 -8.16
CA ILE B 239 -1.51 -9.86 -8.09
C ILE B 239 -2.86 -9.13 -8.16
N LEU B 240 -3.62 -9.50 -9.20
CA LEU B 240 -5.03 -9.11 -9.33
C LEU B 240 -5.93 -10.18 -8.69
N ASP B 241 -6.56 -9.79 -7.60
CA ASP B 241 -7.20 -10.71 -6.70
C ASP B 241 -8.73 -10.55 -6.59
N MSE B 242 -9.46 -11.54 -7.10
CA MSE B 242 -10.92 -11.58 -6.93
C MSE B 242 -11.28 -12.47 -5.80
O MSE B 242 -12.43 -12.59 -5.50
CB MSE B 242 -11.56 -12.18 -8.17
CG MSE B 242 -11.65 -11.15 -9.30
SE MSE B 242 -11.86 -12.17 -10.99
CE MSE B 242 -12.91 -13.57 -10.12
N ILE B 243 -10.31 -13.12 -5.19
CA ILE B 243 -10.61 -14.09 -4.15
C ILE B 243 -10.55 -13.48 -2.73
N GLY B 244 -9.49 -12.72 -2.39
CA GLY B 244 -9.51 -11.94 -1.13
C GLY B 244 -9.06 -12.74 0.09
N ALA B 245 -9.92 -12.88 1.08
CA ALA B 245 -9.52 -13.52 2.30
C ALA B 245 -8.80 -14.89 2.19
N ALA B 246 -9.44 -15.90 1.60
CA ALA B 246 -8.78 -17.23 1.57
C ALA B 246 -7.35 -17.21 1.02
N TYR B 247 -7.06 -16.35 0.05
CA TYR B 247 -5.75 -16.31 -0.56
C TYR B 247 -4.86 -15.19 -0.02
N PHE B 248 -5.32 -14.50 0.99
CA PHE B 248 -4.56 -13.38 1.42
C PHE B 248 -3.12 -13.72 1.79
N GLU B 249 -2.97 -14.66 2.73
CA GLU B 249 -1.65 -15.12 3.19
C GLU B 249 -0.80 -15.71 2.07
N ARG B 250 -1.40 -16.41 1.13
CA ARG B 250 -0.60 -16.92 0.02
C ARG B 250 -0.20 -15.85 -1.02
N ASN B 251 -1.08 -14.86 -1.21
CA ASN B 251 -0.78 -13.74 -2.11
C ASN B 251 0.39 -12.96 -1.59
N ILE B 252 0.32 -12.68 -0.31
CA ILE B 252 1.34 -11.93 0.37
C ILE B 252 2.69 -12.67 0.26
N ALA B 253 2.65 -14.01 0.31
CA ALA B 253 3.93 -14.77 0.28
C ALA B 253 4.42 -14.88 -1.16
N SER B 254 3.51 -14.81 -2.14
CA SER B 254 3.88 -14.90 -3.54
C SER B 254 4.49 -13.67 -4.15
N LEU B 255 4.29 -12.52 -3.52
CA LEU B 255 4.75 -11.25 -4.12
C LEU B 255 6.27 -11.06 -3.95
N ALA B 256 6.94 -10.61 -5.00
CA ALA B 256 8.30 -10.04 -4.92
C ALA B 256 8.42 -8.75 -4.12
N LYS B 257 9.64 -8.38 -3.78
CA LYS B 257 9.92 -7.07 -3.18
C LYS B 257 9.21 -5.98 -3.97
N ASP B 258 8.65 -4.97 -3.30
CA ASP B 258 7.90 -3.90 -3.98
C ASP B 258 6.73 -4.35 -4.87
N GLY B 259 6.18 -5.56 -4.69
CA GLY B 259 5.00 -5.99 -5.47
C GLY B 259 3.68 -5.36 -5.00
N CYS B 260 2.63 -5.41 -5.83
CA CYS B 260 1.28 -4.95 -5.44
C CYS B 260 0.28 -6.06 -5.41
N LEU B 261 -0.49 -6.09 -4.34
CA LEU B 261 -1.71 -6.89 -4.27
C LEU B 261 -2.91 -5.96 -4.47
N SER B 262 -3.65 -6.16 -5.54
CA SER B 262 -4.81 -5.34 -5.86
C SER B 262 -6.08 -6.18 -5.71
N ILE B 263 -6.80 -5.97 -4.61
CA ILE B 263 -8.03 -6.73 -4.33
C ILE B 263 -9.30 -6.10 -4.92
N ILE B 264 -9.99 -6.93 -5.71
CA ILE B 264 -11.01 -6.56 -6.69
C ILE B 264 -12.38 -7.20 -6.34
N ALA B 265 -12.38 -8.22 -5.49
CA ALA B 265 -13.65 -8.81 -5.05
C ALA B 265 -13.28 -9.81 -3.99
N PHE B 266 -14.29 -10.46 -3.42
CA PHE B 266 -14.11 -11.20 -2.21
C PHE B 266 -14.86 -12.48 -2.31
N LEU B 267 -14.69 -13.17 -3.43
CA LEU B 267 -15.29 -14.47 -3.62
C LEU B 267 -14.84 -15.50 -2.55
N GLY B 268 -13.69 -15.28 -1.93
CA GLY B 268 -13.19 -16.15 -0.85
C GLY B 268 -13.38 -15.50 0.50
N GLY B 269 -14.37 -14.60 0.61
CA GLY B 269 -14.66 -13.89 1.88
C GLY B 269 -13.80 -12.61 2.04
N ALA B 270 -14.27 -11.72 2.87
CA ALA B 270 -13.62 -10.47 3.13
C ALA B 270 -12.74 -10.54 4.36
N VAL B 271 -13.00 -11.49 5.25
CA VAL B 271 -12.37 -11.54 6.58
C VAL B 271 -11.35 -12.66 6.73
N ALA B 272 -10.11 -12.29 6.95
CA ALA B 272 -9.04 -13.25 6.95
C ALA B 272 -8.68 -13.50 8.40
N GLU B 273 -8.52 -14.76 8.78
CA GLU B 273 -8.16 -15.09 10.18
C GLU B 273 -6.63 -15.15 10.39
N LYS B 274 -6.22 -15.01 11.64
CA LYS B 274 -4.79 -15.15 12.02
C LYS B 274 -3.76 -14.95 10.92
N VAL B 275 -3.56 -13.67 10.54
CA VAL B 275 -2.64 -13.29 9.45
C VAL B 275 -1.43 -12.41 9.80
N ASN B 276 -0.26 -12.93 9.43
CA ASN B 276 1.01 -12.25 9.58
C ASN B 276 1.19 -11.07 8.60
N LEU B 277 1.20 -9.86 9.15
CA LEU B 277 1.43 -8.62 8.38
C LEU B 277 2.86 -8.48 7.90
N SER B 278 3.77 -9.08 8.65
CA SER B 278 5.20 -8.88 8.49
C SER B 278 5.79 -8.94 7.07
N PRO B 279 5.39 -9.89 6.21
CA PRO B 279 5.95 -9.78 4.83
C PRO B 279 5.63 -8.45 4.14
N ILE B 280 4.59 -7.74 4.61
CA ILE B 280 4.22 -6.51 3.96
C ILE B 280 5.35 -5.49 4.17
N MSE B 281 5.81 -5.41 5.41
CA MSE B 281 6.93 -4.60 5.88
C MSE B 281 8.23 -5.12 5.32
O MSE B 281 8.96 -4.36 4.69
CB MSE B 281 6.98 -4.70 7.41
CG MSE B 281 7.95 -3.64 7.89
SE MSE B 281 8.28 -3.88 9.81
CE MSE B 281 7.18 -2.42 10.35
N VAL B 282 8.52 -6.38 5.53
CA VAL B 282 9.81 -6.93 5.10
C VAL B 282 10.08 -6.66 3.62
N LYS B 283 9.08 -6.90 2.74
CA LYS B 283 9.28 -6.77 1.31
C LYS B 283 8.66 -5.50 0.68
N ARG B 284 8.28 -4.52 1.51
CA ARG B 284 7.59 -3.31 1.00
C ARG B 284 6.45 -3.63 0.04
N LEU B 285 5.61 -4.61 0.36
CA LEU B 285 4.47 -4.86 -0.51
C LEU B 285 3.55 -3.69 -0.33
N THR B 286 2.71 -3.51 -1.33
CA THR B 286 1.59 -2.59 -1.31
C THR B 286 0.30 -3.42 -1.46
N VAL B 287 -0.61 -3.26 -0.52
CA VAL B 287 -1.89 -3.93 -0.60
C VAL B 287 -2.99 -2.85 -0.79
N THR B 288 -3.83 -3.02 -1.80
CA THR B 288 -4.80 -1.99 -2.15
C THR B 288 -5.98 -2.64 -2.86
N GLY B 289 -6.85 -1.83 -3.41
CA GLY B 289 -8.03 -2.35 -4.13
C GLY B 289 -8.94 -1.19 -4.43
N SER B 290 -10.00 -1.44 -5.19
CA SER B 290 -11.03 -0.45 -5.51
C SER B 290 -12.22 -1.17 -6.10
N THR B 291 -13.35 -0.47 -6.11
CA THR B 291 -14.68 -0.93 -6.62
C THR B 291 -15.07 0.05 -7.73
N MSE B 292 -15.93 -0.38 -8.65
CA MSE B 292 -16.20 0.46 -9.81
C MSE B 292 -17.33 1.46 -9.59
O MSE B 292 -17.14 2.64 -9.84
CB MSE B 292 -16.38 -0.34 -11.09
CG MSE B 292 -16.59 0.64 -12.29
SE MSE B 292 -14.97 1.65 -12.86
CE MSE B 292 -13.78 0.08 -12.81
N ARG B 293 -18.48 1.01 -9.12
CA ARG B 293 -19.69 1.87 -9.08
C ARG B 293 -19.46 3.26 -8.44
N PRO B 294 -18.83 3.32 -7.25
CA PRO B 294 -18.68 4.59 -6.55
C PRO B 294 -17.62 5.49 -7.18
N ARG B 295 -16.95 5.02 -8.22
CA ARG B 295 -15.91 5.85 -8.80
C ARG B 295 -16.55 7.07 -9.47
N THR B 296 -15.81 8.15 -9.47
CA THR B 296 -16.28 9.47 -9.88
C THR B 296 -16.55 9.59 -11.36
N ALA B 297 -17.30 10.63 -11.72
CA ALA B 297 -17.61 10.94 -13.14
C ALA B 297 -16.35 11.20 -13.92
N GLU B 298 -15.48 12.01 -13.36
CA GLU B 298 -14.19 12.25 -13.96
C GLU B 298 -13.32 10.99 -14.00
N GLU B 299 -13.53 10.05 -13.06
CA GLU B 299 -12.59 8.94 -12.91
C GLU B 299 -13.00 7.91 -13.96
N LYS B 300 -14.28 7.68 -14.07
CA LYS B 300 -14.79 6.84 -15.13
C LYS B 300 -14.47 7.37 -16.54
N ARG B 301 -14.58 8.67 -16.71
CA ARG B 301 -14.26 9.27 -18.02
C ARG B 301 -12.78 9.08 -18.35
N ALA B 302 -11.93 9.22 -17.35
CA ALA B 302 -10.49 9.03 -17.55
C ALA B 302 -10.24 7.60 -18.02
N ILE B 303 -10.97 6.65 -17.44
CA ILE B 303 -10.80 5.27 -17.83
C ILE B 303 -11.35 5.07 -19.23
N ARG B 304 -12.52 5.64 -19.56
CA ARG B 304 -13.04 5.51 -20.93
C ARG B 304 -11.97 5.95 -21.87
N ASP B 305 -11.31 7.05 -21.55
CA ASP B 305 -10.32 7.60 -22.49
C ASP B 305 -9.18 6.64 -22.77
N ASP B 306 -8.54 6.13 -21.71
CA ASP B 306 -7.44 5.18 -21.89
C ASP B 306 -7.89 3.95 -22.69
N LEU B 307 -9.06 3.43 -22.40
CA LEU B 307 -9.54 2.28 -23.13
C LEU B 307 -9.59 2.54 -24.63
N LEU B 308 -10.25 3.64 -25.02
CA LEU B 308 -10.39 3.99 -26.46
C LEU B 308 -9.01 4.26 -27.08
N SER B 309 -8.19 5.00 -26.36
CA SER B 309 -6.82 5.24 -26.80
C SER B 309 -5.94 3.96 -26.87
N GLU B 310 -5.90 3.16 -25.80
CA GLU B 310 -4.95 2.03 -25.70
C GLU B 310 -5.47 0.64 -26.08
N VAL B 311 -6.78 0.41 -25.95
CA VAL B 311 -7.30 -0.95 -26.07
C VAL B 311 -8.19 -1.16 -27.29
N TRP B 312 -8.99 -0.17 -27.64
CA TRP B 312 -9.78 -0.24 -28.87
C TRP B 312 -8.98 -0.73 -30.08
N PRO B 313 -7.80 -0.13 -30.35
CA PRO B 313 -6.92 -0.70 -31.39
C PRO B 313 -6.69 -2.20 -31.31
N LEU B 314 -6.45 -2.75 -30.12
CA LEU B 314 -6.24 -4.23 -29.96
C LEU B 314 -7.49 -5.09 -30.20
N LEU B 315 -8.64 -4.55 -29.83
CA LEU B 315 -9.92 -5.23 -30.08
C LEU B 315 -10.21 -5.26 -31.58
N GLU B 316 -9.99 -4.12 -32.23
CA GLU B 316 -10.14 -3.99 -33.68
C GLU B 316 -9.17 -4.86 -34.49
N ALA B 317 -7.97 -5.08 -33.96
CA ALA B 317 -7.02 -5.98 -34.62
C ALA B 317 -7.28 -7.47 -34.28
N GLY B 318 -8.20 -7.76 -33.36
CA GLY B 318 -8.46 -9.15 -32.98
C GLY B 318 -7.38 -9.77 -32.10
N THR B 319 -6.42 -8.95 -31.65
CA THR B 319 -5.45 -9.36 -30.62
C THR B 319 -6.19 -9.75 -29.34
N VAL B 320 -7.18 -8.95 -28.98
CA VAL B 320 -7.94 -9.14 -27.76
C VAL B 320 -9.42 -9.11 -28.09
N ALA B 321 -10.21 -9.95 -27.44
CA ALA B 321 -11.62 -10.11 -27.72
C ALA B 321 -12.26 -10.49 -26.42
N PRO B 322 -13.55 -10.17 -26.21
CA PRO B 322 -14.21 -10.74 -25.00
C PRO B 322 -14.63 -12.15 -25.27
N VAL B 323 -14.90 -12.90 -24.21
CA VAL B 323 -15.20 -14.31 -24.31
C VAL B 323 -16.59 -14.46 -23.74
N ILE B 324 -17.52 -14.97 -24.54
CA ILE B 324 -18.91 -15.16 -24.11
C ILE B 324 -19.19 -16.62 -23.77
N HIS B 325 -19.67 -16.93 -22.56
CA HIS B 325 -20.00 -18.35 -22.20
C HIS B 325 -21.33 -18.73 -22.86
N LYS B 326 -22.38 -17.93 -22.68
CA LYS B 326 -23.65 -18.10 -23.43
C LYS B 326 -24.50 -16.80 -23.45
N VAL B 327 -25.46 -16.72 -24.37
CA VAL B 327 -26.33 -15.55 -24.57
C VAL B 327 -27.80 -15.96 -24.32
N PHE B 328 -28.51 -15.16 -23.53
CA PHE B 328 -29.88 -15.47 -23.18
C PHE B 328 -30.86 -14.42 -23.76
N ALA B 329 -32.10 -14.82 -24.00
CA ALA B 329 -33.12 -13.79 -24.29
C ALA B 329 -33.42 -13.04 -23.01
N PHE B 330 -33.67 -11.73 -23.16
CA PHE B 330 -33.93 -10.79 -22.08
C PHE B 330 -35.01 -11.26 -21.13
N GLU B 331 -35.97 -12.01 -21.65
CA GLU B 331 -37.06 -12.54 -20.84
C GLU B 331 -36.47 -13.53 -19.86
N ASP B 332 -35.62 -14.42 -20.36
CA ASP B 332 -34.93 -15.46 -19.57
C ASP B 332 -33.86 -14.98 -18.56
N VAL B 333 -33.94 -13.73 -18.10
CA VAL B 333 -32.91 -13.20 -17.21
C VAL B 333 -32.66 -14.09 -15.99
N ALA B 334 -33.73 -14.66 -15.42
CA ALA B 334 -33.62 -15.64 -14.34
C ALA B 334 -32.65 -16.81 -14.66
N ASP B 335 -32.80 -17.42 -15.84
CA ASP B 335 -31.92 -18.52 -16.27
C ASP B 335 -30.45 -18.11 -16.26
N ALA B 336 -30.20 -16.85 -16.63
CA ALA B 336 -28.86 -16.33 -16.82
C ALA B 336 -28.15 -16.25 -15.49
N HIS B 337 -28.79 -15.59 -14.53
CA HIS B 337 -28.35 -15.59 -13.14
C HIS B 337 -28.05 -16.98 -12.65
N ARG B 338 -29.05 -17.86 -12.70
CA ARG B 338 -28.90 -19.27 -12.38
C ARG B 338 -27.62 -19.87 -12.95
N LEU B 339 -27.32 -19.55 -14.22
CA LEU B 339 -26.08 -20.05 -14.84
C LEU B 339 -24.82 -19.49 -14.18
N LEU B 340 -24.79 -18.19 -13.94
CA LEU B 340 -23.69 -17.51 -13.28
C LEU B 340 -23.44 -17.95 -11.83
N GLU B 341 -24.06 -19.05 -11.41
CA GLU B 341 -23.78 -19.63 -10.08
C GLU B 341 -23.88 -21.17 -10.13
N LYS B 348 -18.47 -14.60 -19.15
CA LYS B 348 -19.41 -13.56 -19.63
C LYS B 348 -20.70 -14.18 -20.13
N VAL B 349 -21.78 -13.79 -19.47
CA VAL B 349 -23.09 -14.18 -19.86
C VAL B 349 -23.83 -12.90 -20.21
N MSE B 350 -24.60 -12.97 -21.30
CA MSE B 350 -25.22 -11.81 -21.92
C MSE B 350 -26.70 -11.98 -22.21
O MSE B 350 -27.23 -13.11 -22.26
CB MSE B 350 -24.50 -11.57 -23.24
CG MSE B 350 -22.97 -11.51 -23.14
SE MSE B 350 -22.41 -9.92 -22.15
CE MSE B 350 -23.40 -8.47 -23.05
N LEU B 351 -27.37 -10.85 -22.37
CA LEU B 351 -28.77 -10.78 -22.70
C LEU B 351 -28.97 -10.03 -24.00
N THR B 352 -29.68 -10.69 -24.92
CA THR B 352 -30.36 -10.13 -26.11
C THR B 352 -31.72 -9.51 -25.73
N VAL B 353 -31.97 -8.27 -26.16
CA VAL B 353 -33.26 -7.63 -25.87
C VAL B 353 -34.48 -8.26 -26.59
#